data_7Q1W
#
_entry.id   7Q1W
#
_cell.length_a   78.256
_cell.length_b   103.658
_cell.length_c   113.280
_cell.angle_alpha   90.000
_cell.angle_beta   90.000
_cell.angle_gamma   90.000
#
_symmetry.space_group_name_H-M   'P 21 21 21'
#
loop_
_entity.id
_entity.type
_entity.pdbx_description
1 polymer 'Ruminococcus gnavus end galactosidase GH98'
2 branched alpha-L-fucopyranose-(1-2)-[2-acetamido-2-deoxy-alpha-D-galactopyranose-(1-3)]beta-D-galactopyranose-(1-4)-2-acetamido-2-deoxy-beta-D-glucopyranose
3 non-polymer GLYCEROL
4 non-polymer 2-AMINO-2-HYDROXYMETHYL-PROPANE-1,3-DIOL
5 non-polymer 'CALCIUM ION'
6 non-polymer 'MAGNESIUM ION'
7 water water
#
_entity_poly.entity_id   1
_entity_poly.type   'polypeptide(L)'
_entity_poly.pdbx_seq_one_letter_code
;APPLVNLAEEKDVKVTVGENMDLKNADLLTDGDKYYLQHDATGNKEGNNWENYQEQGTEVTSTAEGKNGVWVQVDLGASY
PLEVINLKRQVYDGQATIGNGNPSGQGKRLKGTKISYKNTAIVIGNEEDLSDGQIVYYEGNPTLPDGVKQPENVSKPYEE
AMGGQWFYMDYANKNGLGATELGTTKEARYIRVYTENPKGAAVKFMELGIYGYENEQDVQSQDGPRRVIDNEHPMMIATA
YSNDVYEIGQEEGPELQGSNTVDGRWNAIPDDLKENNVLLLHTNNLRQFAPDHIGQAYLQAFHEHGLQIAYEQGAPIMLL
GLTAAATPENGGTQYNITADMDYGWLDLMYRMYPNMQGVFNTANFWAGIHPPCEGSAKMLEIADRFGGFFVWSDQDHGST
VTNIVSNANMKKALEKHGDAFYLIYKNTSSNQPDDLKTSSFFQGSWLAGYTGGWGMLSDTWAWDKQFSKLWQGAGSYNNW
QRLCGEPEALLGMQMMSTYLGGGVIYTFEFPEIVYGTSNTNSPANTHVLTELFRYIVNHPAPSKKEIMEETKAVLYGNVS
SDFYSGLSGKPTGFQIYETGRYGIIPVIPTWGTRAEVTKKLIQEADKLGVTPPNVLDVKDKNLSGQAKQKYFKDLYPIEY
VGNAFADKWEGTWYLYNNKVNTNEKQHAILPLEGEEESARLKVEMEPHEFMIMNESGDGTAMDITLNNYRVNKDEIIFDN
KFGLTWTGDFSPGQTTINGKLSVYKYMDEYNVVNAPEGKLSPEDNELRTTTFELTKLAKEPKVQVVKGQQPDTDGQPQYT
EPKVEFNEETGKAVITIQTNGWVDLSITGLEFVYDENAQKIEDE
;
_entity_poly.pdbx_strand_id   A
#
# COMPACT_ATOMS: atom_id res chain seq x y z
N ALA A 1 5.10 -10.06 -22.50
CA ALA A 1 5.73 -11.44 -22.33
C ALA A 1 7.02 -11.42 -21.50
N PRO A 2 6.99 -11.60 -20.15
CA PRO A 2 8.23 -11.61 -19.36
C PRO A 2 9.07 -12.86 -19.64
N PRO A 3 10.37 -12.85 -19.26
CA PRO A 3 11.26 -13.93 -19.68
C PRO A 3 11.01 -15.28 -18.97
N LEU A 4 10.53 -15.32 -17.73
CA LEU A 4 10.20 -16.62 -17.08
C LEU A 4 8.83 -17.08 -17.57
N VAL A 5 8.77 -18.29 -18.15
CA VAL A 5 7.50 -18.82 -18.70
C VAL A 5 7.28 -20.19 -18.10
N ASN A 6 6.02 -20.63 -18.14
CA ASN A 6 5.73 -22.06 -17.94
C ASN A 6 6.06 -22.78 -19.23
N LEU A 7 7.25 -23.37 -19.29
CA LEU A 7 7.68 -24.11 -20.50
C LEU A 7 6.74 -25.28 -20.80
N ALA A 8 6.15 -25.90 -19.79
CA ALA A 8 5.23 -27.06 -19.97
C ALA A 8 3.99 -26.59 -20.74
N GLU A 9 3.53 -25.35 -20.51
CA GLU A 9 2.43 -24.77 -21.31
C GLU A 9 2.93 -24.27 -22.67
N GLU A 10 4.10 -23.62 -22.72
CA GLU A 10 4.54 -22.86 -23.92
C GLU A 10 4.99 -23.82 -25.02
N LYS A 11 5.56 -24.95 -24.65
CA LYS A 11 6.20 -25.86 -25.62
C LYS A 11 5.22 -26.96 -26.00
N ASP A 12 5.45 -27.59 -27.14
CA ASP A 12 4.65 -28.73 -27.64
C ASP A 12 5.21 -29.97 -26.95
N VAL A 13 4.82 -30.20 -25.71
CA VAL A 13 5.53 -31.21 -24.89
C VAL A 13 5.08 -32.61 -25.34
N LYS A 14 5.92 -33.58 -25.07
CA LYS A 14 5.55 -35.03 -25.16
C LYS A 14 5.54 -35.65 -23.76
N VAL A 15 4.48 -36.39 -23.43
CA VAL A 15 4.27 -37.04 -22.12
C VAL A 15 4.46 -38.56 -22.29
N THR A 16 5.28 -39.15 -21.44
CA THR A 16 5.50 -40.61 -21.42
C THR A 16 5.40 -41.15 -20.00
N VAL A 17 5.24 -42.48 -19.92
CA VAL A 17 5.23 -43.22 -18.63
C VAL A 17 6.14 -44.43 -18.80
N GLY A 18 6.41 -45.13 -17.72
CA GLY A 18 7.28 -46.33 -17.74
C GLY A 18 6.59 -47.59 -18.27
N GLU A 19 7.37 -48.66 -18.35
CA GLU A 19 6.89 -50.02 -18.61
C GLU A 19 5.87 -50.35 -17.53
N ASN A 20 4.83 -51.09 -17.91
CA ASN A 20 3.80 -51.62 -17.02
C ASN A 20 3.11 -50.43 -16.37
N MET A 21 2.88 -49.36 -17.14
CA MET A 21 2.09 -48.18 -16.71
C MET A 21 1.19 -47.77 -17.87
N ASP A 22 -0.06 -47.45 -17.55
CA ASP A 22 -1.06 -46.91 -18.49
C ASP A 22 -1.19 -45.40 -18.26
N LEU A 23 -1.39 -44.65 -19.34
CA LEU A 23 -1.48 -43.17 -19.37
C LEU A 23 -2.83 -42.77 -19.95
N LYS A 24 -3.59 -41.92 -19.26
CA LYS A 24 -4.89 -41.39 -19.72
C LYS A 24 -4.89 -39.86 -19.54
N ASN A 25 -5.28 -39.13 -20.59
CA ASN A 25 -5.50 -37.66 -20.58
C ASN A 25 -4.20 -36.91 -20.29
N ALA A 26 -3.14 -37.26 -21.02
CA ALA A 26 -1.82 -36.62 -20.94
C ALA A 26 -1.92 -35.09 -21.05
N ASP A 27 -2.86 -34.58 -21.84
CA ASP A 27 -2.90 -33.12 -22.13
C ASP A 27 -3.24 -32.33 -20.87
N LEU A 28 -3.90 -32.93 -19.88
CA LEU A 28 -4.35 -32.18 -18.68
C LEU A 28 -3.15 -31.82 -17.80
N LEU A 29 -2.02 -32.50 -17.93
CA LEU A 29 -0.85 -32.33 -17.05
C LEU A 29 -0.28 -30.91 -17.23
N THR A 30 -0.45 -30.34 -18.42
CA THR A 30 0.26 -29.08 -18.81
C THR A 30 -0.73 -28.05 -19.37
N ASP A 31 -1.94 -28.04 -18.87
CA ASP A 31 -3.02 -27.19 -19.44
C ASP A 31 -3.20 -25.91 -18.64
N GLY A 32 -2.40 -25.68 -17.60
CA GLY A 32 -2.47 -24.44 -16.83
C GLY A 32 -3.61 -24.43 -15.84
N ASP A 33 -4.33 -25.55 -15.71
CA ASP A 33 -5.53 -25.66 -14.85
C ASP A 33 -5.25 -26.62 -13.69
N LYS A 34 -5.29 -26.09 -12.46
CA LYS A 34 -5.12 -26.86 -11.21
C LYS A 34 -6.48 -27.09 -10.55
N TYR A 35 -7.55 -26.51 -11.07
CA TYR A 35 -8.82 -26.43 -10.29
C TYR A 35 -10.03 -27.01 -11.05
N TYR A 36 -10.05 -26.97 -12.38
CA TYR A 36 -11.12 -27.58 -13.21
C TYR A 36 -12.48 -27.01 -12.85
N LEU A 37 -12.51 -25.68 -12.64
CA LEU A 37 -13.78 -24.98 -12.40
C LEU A 37 -14.60 -25.04 -13.68
N GLN A 38 -15.91 -25.15 -13.56
CA GLN A 38 -16.81 -25.41 -14.70
C GLN A 38 -17.84 -24.27 -14.83
N HIS A 39 -18.02 -23.43 -13.80
CA HIS A 39 -19.09 -22.41 -13.81
C HIS A 39 -18.53 -20.99 -13.70
N ASP A 40 -17.36 -20.72 -14.28
CA ASP A 40 -16.75 -19.37 -14.23
C ASP A 40 -17.72 -18.32 -14.77
N ALA A 41 -18.53 -18.64 -15.78
CA ALA A 41 -19.39 -17.63 -16.45
C ALA A 41 -20.58 -17.27 -15.56
N THR A 42 -20.89 -18.04 -14.51
CA THR A 42 -22.01 -17.75 -13.56
C THR A 42 -21.48 -17.59 -12.13
N GLY A 43 -20.33 -16.94 -11.96
CA GLY A 43 -19.76 -16.61 -10.66
C GLY A 43 -19.34 -17.86 -9.88
N ASN A 44 -19.15 -18.98 -10.56
CA ASN A 44 -18.75 -20.28 -9.96
C ASN A 44 -19.88 -20.80 -9.08
N LYS A 45 -21.11 -20.41 -9.39
CA LYS A 45 -22.32 -20.96 -8.73
C LYS A 45 -23.16 -21.69 -9.77
N GLU A 46 -23.72 -22.83 -9.38
CA GLU A 46 -24.87 -23.47 -10.05
C GLU A 46 -26.11 -23.05 -9.29
N GLY A 47 -26.90 -22.16 -9.89
CA GLY A 47 -27.95 -21.44 -9.19
C GLY A 47 -27.31 -20.63 -8.08
N ASN A 48 -27.66 -20.92 -6.84
CA ASN A 48 -27.19 -20.15 -5.67
C ASN A 48 -26.03 -20.86 -4.97
N ASN A 49 -25.60 -22.05 -5.44
CA ASN A 49 -24.62 -22.92 -4.75
C ASN A 49 -23.23 -22.83 -5.39
N TRP A 50 -22.20 -22.66 -4.59
CA TRP A 50 -20.79 -22.79 -5.06
C TRP A 50 -20.60 -24.15 -5.73
N GLU A 51 -19.90 -24.17 -6.87
CA GLU A 51 -19.62 -25.42 -7.58
C GLU A 51 -18.72 -26.30 -6.72
N ASN A 52 -18.96 -27.60 -6.77
CA ASN A 52 -18.18 -28.63 -6.06
C ASN A 52 -16.78 -28.64 -6.63
N TYR A 53 -15.83 -29.11 -5.83
CA TYR A 53 -14.43 -29.31 -6.29
C TYR A 53 -14.35 -30.70 -6.98
N GLN A 54 -14.10 -30.70 -8.29
CA GLN A 54 -14.08 -31.93 -9.14
C GLN A 54 -12.65 -32.06 -9.66
N GLU A 55 -11.88 -33.03 -9.19
CA GLU A 55 -10.45 -33.10 -9.54
C GLU A 55 -10.25 -33.93 -10.82
N GLN A 56 -9.74 -33.30 -11.86
CA GLN A 56 -9.40 -33.94 -13.13
C GLN A 56 -7.90 -33.95 -13.22
N GLY A 57 -7.38 -34.83 -14.03
CA GLY A 57 -5.97 -34.78 -14.42
C GLY A 57 -5.51 -36.01 -15.16
N THR A 58 -4.22 -36.02 -15.42
CA THR A 58 -3.54 -37.09 -16.14
C THR A 58 -3.49 -38.30 -15.20
N GLU A 59 -4.09 -39.42 -15.59
CA GLU A 59 -4.07 -40.63 -14.73
C GLU A 59 -2.99 -41.58 -15.26
N VAL A 60 -2.09 -41.99 -14.38
CA VAL A 60 -1.05 -43.01 -14.67
C VAL A 60 -1.30 -44.20 -13.74
N THR A 61 -1.47 -45.41 -14.26
CA THR A 61 -1.85 -46.58 -13.42
C THR A 61 -0.80 -47.65 -13.62
N SER A 62 -0.19 -48.16 -12.54
CA SER A 62 0.72 -49.33 -12.61
C SER A 62 -0.09 -50.57 -12.97
N THR A 63 0.42 -51.35 -13.90
CA THR A 63 -0.12 -52.68 -14.28
C THR A 63 0.87 -53.76 -13.80
N ALA A 64 1.90 -53.39 -13.02
CA ALA A 64 2.87 -54.34 -12.45
C ALA A 64 2.35 -54.85 -11.11
N GLU A 65 2.23 -56.17 -10.96
CA GLU A 65 1.83 -56.76 -9.67
C GLU A 65 2.86 -56.39 -8.60
N GLY A 66 2.40 -55.94 -7.45
CA GLY A 66 3.24 -55.66 -6.27
C GLY A 66 3.92 -54.31 -6.31
N LYS A 67 3.70 -53.49 -7.34
CA LYS A 67 4.43 -52.21 -7.54
C LYS A 67 3.42 -51.14 -7.95
N ASN A 68 3.00 -50.33 -6.98
CA ASN A 68 1.99 -49.26 -7.19
C ASN A 68 2.67 -47.98 -7.63
N GLY A 69 3.99 -47.83 -7.43
CA GLY A 69 4.74 -46.64 -7.87
C GLY A 69 4.54 -46.39 -9.35
N VAL A 70 4.31 -45.15 -9.76
CA VAL A 70 4.30 -44.81 -11.20
C VAL A 70 5.23 -43.62 -11.45
N TRP A 71 5.47 -43.34 -12.72
CA TRP A 71 6.12 -42.08 -13.10
C TRP A 71 5.52 -41.55 -14.41
N VAL A 72 5.64 -40.25 -14.56
CA VAL A 72 5.23 -39.50 -15.76
C VAL A 72 6.41 -38.59 -16.11
N GLN A 73 6.72 -38.49 -17.39
CA GLN A 73 7.86 -37.69 -17.87
C GLN A 73 7.36 -36.71 -18.93
N VAL A 74 7.83 -35.49 -18.82
CA VAL A 74 7.56 -34.44 -19.84
C VAL A 74 8.86 -34.22 -20.61
N ASP A 75 8.77 -34.23 -21.92
CA ASP A 75 9.87 -33.85 -22.84
C ASP A 75 9.55 -32.45 -23.37
N LEU A 76 10.30 -31.41 -22.97
CA LEU A 76 10.10 -30.01 -23.43
C LEU A 76 10.47 -29.84 -24.90
N GLY A 77 11.08 -30.87 -25.50
CA GLY A 77 11.45 -30.89 -26.93
C GLY A 77 12.82 -30.31 -27.20
N ALA A 78 13.43 -29.67 -26.21
CA ALA A 78 14.79 -29.08 -26.26
C ALA A 78 15.21 -28.82 -24.82
N SER A 79 16.47 -28.46 -24.58
CA SER A 79 16.98 -28.17 -23.22
C SER A 79 16.81 -26.69 -22.92
N TYR A 80 16.31 -26.37 -21.73
CA TYR A 80 16.02 -25.00 -21.26
C TYR A 80 16.51 -24.86 -19.85
N PRO A 81 16.95 -23.65 -19.42
CA PRO A 81 17.22 -23.39 -18.00
C PRO A 81 15.93 -23.46 -17.20
N LEU A 82 15.82 -24.35 -16.22
CA LEU A 82 14.62 -24.48 -15.37
C LEU A 82 14.90 -23.80 -14.02
N GLU A 83 13.89 -23.17 -13.42
CA GLU A 83 14.04 -22.45 -12.12
C GLU A 83 13.03 -22.97 -11.11
N VAL A 84 11.78 -23.22 -11.51
CA VAL A 84 10.73 -23.64 -10.52
C VAL A 84 9.90 -24.79 -11.11
N ILE A 85 9.52 -25.75 -10.27
CA ILE A 85 8.53 -26.78 -10.67
C ILE A 85 7.37 -26.73 -9.69
N ASN A 86 6.15 -26.78 -10.22
CA ASN A 86 4.89 -26.82 -9.41
C ASN A 86 4.22 -28.15 -9.71
N LEU A 87 4.12 -29.03 -8.73
CA LEU A 87 3.47 -30.36 -8.90
C LEU A 87 2.18 -30.37 -8.08
N LYS A 88 1.06 -30.65 -8.74
CA LYS A 88 -0.20 -30.93 -8.03
C LYS A 88 -0.79 -32.25 -8.50
N ARG A 89 -1.12 -33.08 -7.52
CA ARG A 89 -1.88 -34.31 -7.70
C ARG A 89 -3.22 -34.18 -7.02
N GLN A 90 -4.07 -35.15 -7.26
CA GLN A 90 -5.39 -35.21 -6.60
C GLN A 90 -5.19 -35.00 -5.11
N VAL A 91 -5.89 -34.02 -4.55
CA VAL A 91 -5.69 -33.63 -3.13
C VAL A 91 -6.51 -34.55 -2.23
N TYR A 92 -7.75 -34.83 -2.61
CA TYR A 92 -8.74 -35.54 -1.74
C TYR A 92 -8.88 -37.01 -2.14
N ASP A 93 -8.92 -37.83 -1.12
CA ASP A 93 -9.32 -39.25 -1.21
C ASP A 93 -10.83 -39.21 -1.14
N GLY A 94 -11.49 -39.36 -2.27
CA GLY A 94 -12.95 -39.13 -2.36
C GLY A 94 -13.25 -37.69 -2.76
N GLN A 95 -14.41 -37.18 -2.35
N GLN A 95 -14.32 -37.15 -2.23
CA GLN A 95 -14.86 -35.79 -2.62
CA GLN A 95 -14.77 -35.79 -2.59
C GLN A 95 -14.70 -34.93 -1.36
C GLN A 95 -14.77 -34.90 -1.35
N ALA A 96 -14.34 -33.66 -1.54
CA ALA A 96 -14.43 -32.62 -0.50
C ALA A 96 -15.89 -32.15 -0.39
N THR A 97 -16.33 -31.91 0.85
CA THR A 97 -17.58 -31.22 1.21
C THR A 97 -17.26 -29.72 1.22
N ILE A 98 -18.17 -28.91 0.68
CA ILE A 98 -18.10 -27.44 0.90
C ILE A 98 -18.66 -27.16 2.29
N GLY A 99 -17.78 -26.95 3.25
CA GLY A 99 -18.12 -26.92 4.68
C GLY A 99 -18.07 -25.50 5.20
N ASN A 100 -18.31 -25.41 6.48
CA ASN A 100 -18.35 -24.16 7.24
C ASN A 100 -16.93 -23.65 7.45
N GLY A 101 -16.74 -22.35 7.31
CA GLY A 101 -15.47 -21.69 7.63
C GLY A 101 -15.70 -20.63 8.68
N ASN A 102 -15.07 -19.49 8.48
CA ASN A 102 -14.92 -18.39 9.46
C ASN A 102 -15.13 -17.08 8.70
N PRO A 103 -16.18 -16.28 8.99
CA PRO A 103 -17.15 -16.58 10.05
C PRO A 103 -18.12 -17.74 9.73
N SER A 104 -18.58 -18.42 10.78
CA SER A 104 -19.60 -19.50 10.71
C SER A 104 -20.83 -19.02 9.89
N GLY A 105 -21.23 -19.79 8.89
CA GLY A 105 -22.47 -19.52 8.14
C GLY A 105 -22.22 -18.69 6.90
N GLN A 106 -21.03 -18.11 6.78
CA GLN A 106 -20.66 -17.23 5.65
C GLN A 106 -19.46 -17.81 4.92
N GLY A 107 -18.34 -17.93 5.61
CA GLY A 107 -17.10 -18.48 5.05
C GLY A 107 -17.30 -19.94 4.71
N LYS A 108 -16.81 -20.36 3.55
CA LYS A 108 -16.84 -21.77 3.14
C LYS A 108 -15.40 -22.28 3.10
N ARG A 109 -15.19 -23.50 3.59
CA ARG A 109 -13.90 -24.23 3.47
C ARG A 109 -14.19 -25.67 3.04
N LEU A 110 -13.34 -26.18 2.17
CA LEU A 110 -13.37 -27.63 1.81
C LEU A 110 -13.01 -28.46 3.03
N LYS A 111 -13.71 -29.56 3.21
CA LYS A 111 -13.43 -30.51 4.30
C LYS A 111 -13.42 -31.90 3.69
N GLY A 112 -12.39 -32.68 3.96
CA GLY A 112 -12.39 -34.09 3.58
C GLY A 112 -11.05 -34.69 3.90
N THR A 113 -10.73 -35.79 3.26
CA THR A 113 -9.55 -36.60 3.56
C THR A 113 -8.48 -36.28 2.54
N LYS A 114 -7.43 -35.61 2.95
CA LYS A 114 -6.33 -35.20 2.06
C LYS A 114 -5.33 -36.34 1.96
N ILE A 115 -4.76 -36.50 0.77
CA ILE A 115 -3.80 -37.59 0.48
C ILE A 115 -2.41 -37.09 0.82
N SER A 116 -1.61 -37.95 1.42
CA SER A 116 -0.15 -37.71 1.57
C SER A 116 0.56 -38.72 0.70
N TYR A 117 0.96 -38.33 -0.49
CA TYR A 117 1.62 -39.26 -1.44
C TYR A 117 2.95 -39.71 -0.83
N LYS A 118 3.46 -40.85 -1.29
CA LYS A 118 4.80 -41.29 -0.84
C LYS A 118 5.64 -41.64 -2.05
N ASN A 119 6.93 -41.93 -1.81
CA ASN A 119 7.88 -42.30 -2.88
C ASN A 119 7.77 -41.33 -4.06
N THR A 120 7.80 -40.05 -3.73
CA THR A 120 7.74 -38.92 -4.70
C THR A 120 9.17 -38.50 -5.02
N ALA A 121 9.48 -38.32 -6.28
CA ALA A 121 10.80 -37.79 -6.67
C ALA A 121 10.62 -37.02 -7.97
N ILE A 122 11.49 -36.04 -8.16
CA ILE A 122 11.56 -35.28 -9.42
C ILE A 122 13.01 -35.36 -9.91
N VAL A 123 13.18 -35.82 -11.13
CA VAL A 123 14.51 -35.96 -11.73
C VAL A 123 14.50 -35.24 -13.07
N ILE A 124 15.53 -34.44 -13.33
CA ILE A 124 15.62 -33.71 -14.61
C ILE A 124 16.93 -34.07 -15.31
N GLY A 125 16.98 -33.90 -16.63
CA GLY A 125 18.23 -34.10 -17.36
C GLY A 125 18.06 -33.89 -18.84
N ASN A 126 19.12 -34.23 -19.58
CA ASN A 126 19.20 -33.97 -21.02
C ASN A 126 19.18 -35.29 -21.78
N GLU A 127 19.17 -36.42 -21.08
CA GLU A 127 19.05 -37.75 -21.74
C GLU A 127 17.62 -38.22 -21.53
N GLU A 128 17.00 -38.72 -22.60
CA GLU A 128 15.61 -39.25 -22.54
C GLU A 128 15.46 -40.32 -21.44
N ASP A 129 16.48 -41.19 -21.25
CA ASP A 129 16.45 -42.24 -20.19
C ASP A 129 16.98 -41.72 -18.85
N LEU A 130 17.26 -40.40 -18.74
CA LEU A 130 17.73 -39.74 -17.50
C LEU A 130 18.95 -40.45 -16.91
N SER A 131 19.80 -41.04 -17.75
CA SER A 131 21.13 -41.58 -17.32
C SER A 131 22.00 -40.45 -16.75
N ASP A 132 21.68 -39.18 -17.09
CA ASP A 132 22.38 -37.97 -16.61
C ASP A 132 21.51 -37.24 -15.58
N GLY A 133 20.52 -37.93 -15.01
CA GLY A 133 19.46 -37.32 -14.19
C GLY A 133 20.02 -36.57 -12.99
N GLN A 134 19.47 -35.39 -12.71
CA GLN A 134 19.79 -34.58 -11.51
C GLN A 134 18.54 -34.58 -10.63
N ILE A 135 18.71 -34.87 -9.34
CA ILE A 135 17.59 -34.95 -8.38
C ILE A 135 17.20 -33.55 -7.96
N VAL A 136 15.94 -33.18 -8.21
CA VAL A 136 15.35 -31.93 -7.70
C VAL A 136 14.70 -32.18 -6.34
N TYR A 137 14.09 -33.35 -6.19
CA TYR A 137 13.34 -33.75 -4.97
C TYR A 137 13.30 -35.26 -4.86
N TYR A 138 13.36 -35.76 -3.64
CA TYR A 138 13.45 -37.22 -3.38
C TYR A 138 12.96 -37.54 -1.97
N GLU A 139 11.87 -38.30 -1.91
CA GLU A 139 11.16 -38.69 -0.67
C GLU A 139 10.88 -40.18 -0.76
N GLY A 140 11.14 -40.94 0.32
CA GLY A 140 10.91 -42.39 0.37
C GLY A 140 11.98 -43.12 -0.39
N ASN A 141 11.64 -44.11 -1.20
CA ASN A 141 12.69 -44.94 -1.85
C ASN A 141 12.35 -45.30 -3.28
N PRO A 142 11.80 -44.42 -4.14
CA PRO A 142 11.54 -44.83 -5.52
C PRO A 142 12.86 -45.12 -6.23
N THR A 143 12.81 -46.07 -7.15
CA THR A 143 14.00 -46.55 -7.88
C THR A 143 14.40 -45.50 -8.90
N LEU A 144 15.59 -44.92 -8.76
CA LEU A 144 16.06 -43.88 -9.69
C LEU A 144 16.56 -44.50 -10.99
N PRO A 145 16.67 -43.70 -12.07
CA PRO A 145 17.25 -44.19 -13.32
C PRO A 145 18.66 -44.72 -13.04
N ASP A 146 19.12 -45.74 -13.77
CA ASP A 146 20.54 -46.18 -13.71
C ASP A 146 21.42 -44.95 -13.98
N GLY A 147 22.47 -44.78 -13.18
CA GLY A 147 23.44 -43.66 -13.28
C GLY A 147 23.13 -42.54 -12.30
N VAL A 148 21.98 -42.56 -11.63
CA VAL A 148 21.58 -41.47 -10.70
C VAL A 148 21.76 -41.95 -9.26
N LYS A 149 22.72 -41.37 -8.53
CA LYS A 149 22.97 -41.61 -7.08
C LYS A 149 21.78 -41.15 -6.23
N GLN A 150 21.42 -41.94 -5.22
CA GLN A 150 20.57 -41.54 -4.05
C GLN A 150 21.10 -40.26 -3.43
N PRO A 151 20.24 -39.31 -3.03
CA PRO A 151 20.71 -38.14 -2.29
C PRO A 151 21.04 -38.56 -0.85
N GLU A 152 21.96 -37.86 -0.19
CA GLU A 152 22.32 -38.19 1.22
C GLU A 152 21.11 -37.83 2.12
N ASN A 153 20.45 -36.69 1.87
CA ASN A 153 19.24 -36.28 2.63
C ASN A 153 17.99 -36.59 1.81
N VAL A 154 17.08 -37.34 2.40
CA VAL A 154 15.80 -37.79 1.78
C VAL A 154 14.68 -37.06 2.53
N SER A 155 13.65 -36.63 1.83
CA SER A 155 12.49 -35.91 2.39
C SER A 155 11.45 -36.91 2.90
N LYS A 156 10.56 -36.42 3.76
CA LYS A 156 9.41 -37.16 4.28
C LYS A 156 8.18 -36.70 3.53
N PRO A 157 7.12 -37.53 3.43
CA PRO A 157 5.89 -37.13 2.76
C PRO A 157 5.32 -35.83 3.32
N TYR A 158 4.63 -35.10 2.46
CA TYR A 158 3.82 -33.92 2.83
C TYR A 158 2.37 -34.16 2.41
N GLU A 159 1.49 -33.32 2.94
CA GLU A 159 0.05 -33.39 2.64
C GLU A 159 -0.21 -32.60 1.36
N GLU A 160 -0.90 -33.21 0.40
CA GLU A 160 -1.21 -32.55 -0.89
C GLU A 160 -2.03 -31.29 -0.59
N ALA A 161 -1.73 -30.23 -1.33
CA ALA A 161 -2.32 -28.91 -1.13
C ALA A 161 -3.07 -28.44 -2.38
N MET A 162 -3.98 -27.47 -2.19
CA MET A 162 -4.83 -26.90 -3.26
C MET A 162 -3.93 -26.34 -4.38
N GLY A 163 -2.79 -25.75 -4.05
CA GLY A 163 -1.92 -25.11 -5.04
C GLY A 163 -0.80 -26.02 -5.51
N GLY A 164 -0.75 -27.22 -5.00
CA GLY A 164 0.37 -28.13 -5.29
C GLY A 164 1.57 -27.83 -4.42
N GLN A 165 2.72 -28.37 -4.78
CA GLN A 165 4.00 -28.22 -4.08
C GLN A 165 4.97 -27.52 -5.03
N TRP A 166 5.90 -26.77 -4.45
CA TRP A 166 6.84 -25.90 -5.19
C TRP A 166 8.25 -26.42 -4.93
N PHE A 167 9.00 -26.64 -6.02
CA PHE A 167 10.37 -27.15 -5.96
C PHE A 167 11.31 -26.20 -6.72
N TYR A 168 12.55 -26.12 -6.27
CA TYR A 168 13.58 -25.20 -6.78
C TYR A 168 14.84 -26.03 -7.04
N MET A 169 15.89 -25.38 -7.54
CA MET A 169 16.99 -26.09 -8.18
C MET A 169 18.21 -26.18 -7.25
N ASP A 170 18.02 -26.02 -5.94
CA ASP A 170 19.12 -26.16 -4.96
C ASP A 170 18.78 -27.25 -3.95
N TYR A 171 19.28 -28.45 -4.18
CA TYR A 171 18.96 -29.62 -3.31
C TYR A 171 19.41 -29.34 -1.87
N ALA A 172 20.46 -28.55 -1.65
CA ALA A 172 20.99 -28.20 -0.30
C ALA A 172 20.02 -27.28 0.44
N ASN A 173 19.13 -26.61 -0.29
CA ASN A 173 18.14 -25.70 0.32
C ASN A 173 16.86 -26.49 0.61
N LYS A 174 16.76 -27.05 1.80
CA LYS A 174 15.58 -27.82 2.29
C LYS A 174 15.21 -28.93 1.29
N ASN A 175 16.20 -29.63 0.78
CA ASN A 175 16.02 -30.83 -0.07
C ASN A 175 15.18 -30.49 -1.30
N GLY A 176 15.34 -29.28 -1.84
CA GLY A 176 14.69 -28.85 -3.08
C GLY A 176 13.38 -28.08 -2.84
N LEU A 177 12.91 -28.02 -1.59
CA LEU A 177 11.65 -27.31 -1.26
C LEU A 177 11.93 -25.83 -0.95
N GLY A 178 13.20 -25.46 -0.73
CA GLY A 178 13.56 -24.10 -0.32
C GLY A 178 13.73 -23.17 -1.50
N ALA A 179 13.05 -22.02 -1.45
CA ALA A 179 13.07 -20.98 -2.49
C ALA A 179 14.49 -20.47 -2.70
N THR A 180 14.92 -20.41 -3.95
CA THR A 180 16.28 -20.00 -4.35
C THR A 180 16.32 -18.51 -4.66
N GLU A 181 17.52 -17.99 -4.85
CA GLU A 181 17.76 -16.64 -5.40
C GLU A 181 17.17 -16.63 -6.79
N LEU A 182 16.65 -15.50 -7.23
CA LEU A 182 16.16 -15.34 -8.61
C LEU A 182 17.24 -15.86 -9.56
N GLY A 183 16.86 -16.67 -10.56
CA GLY A 183 17.79 -17.05 -11.65
C GLY A 183 18.63 -18.25 -11.31
N THR A 184 18.32 -19.00 -10.25
CA THR A 184 19.01 -20.26 -9.89
C THR A 184 18.42 -21.38 -10.76
N THR A 185 19.13 -21.78 -11.80
CA THR A 185 18.56 -22.68 -12.83
C THR A 185 19.44 -23.92 -13.00
N LYS A 186 18.82 -24.96 -13.52
CA LYS A 186 19.50 -26.14 -14.06
C LYS A 186 18.92 -26.38 -15.45
N GLU A 187 19.77 -26.65 -16.43
CA GLU A 187 19.35 -26.92 -17.82
C GLU A 187 18.78 -28.33 -17.93
N ALA A 188 17.61 -28.51 -18.54
CA ALA A 188 17.11 -29.87 -18.80
C ALA A 188 16.07 -29.87 -19.91
N ARG A 189 15.90 -31.03 -20.53
CA ARG A 189 14.88 -31.25 -21.58
C ARG A 189 13.77 -32.11 -21.00
N TYR A 190 14.14 -33.04 -20.11
CA TYR A 190 13.25 -34.13 -19.64
C TYR A 190 13.03 -33.96 -18.13
N ILE A 191 11.76 -34.00 -17.73
CA ILE A 191 11.37 -33.88 -16.31
C ILE A 191 10.50 -35.08 -15.98
N ARG A 192 10.98 -35.90 -15.04
CA ARG A 192 10.26 -37.14 -14.62
C ARG A 192 9.83 -36.98 -13.17
N VAL A 193 8.57 -37.31 -12.90
CA VAL A 193 7.98 -37.27 -11.55
C VAL A 193 7.54 -38.68 -11.19
N TYR A 194 8.14 -39.21 -10.13
CA TYR A 194 7.78 -40.50 -9.48
C TYR A 194 6.74 -40.19 -8.43
N THR A 195 5.75 -41.08 -8.29
CA THR A 195 4.76 -40.99 -7.18
C THR A 195 4.13 -42.35 -6.94
N GLU A 196 3.90 -42.67 -5.67
CA GLU A 196 3.07 -43.80 -5.23
C GLU A 196 1.88 -43.28 -4.42
N ASN A 197 0.70 -43.57 -4.90
CA ASN A 197 -0.56 -43.37 -4.15
C ASN A 197 -0.58 -44.39 -3.02
N PRO A 198 -0.68 -43.92 -1.75
CA PRO A 198 -0.72 -44.82 -0.60
C PRO A 198 -1.82 -45.88 -0.73
N LYS A 199 -2.87 -45.55 -1.47
CA LYS A 199 -4.01 -46.45 -1.79
C LYS A 199 -4.05 -46.61 -3.30
N GLY A 200 -3.50 -47.69 -3.80
CA GLY A 200 -3.81 -48.19 -5.13
C GLY A 200 -2.73 -47.84 -6.13
N ALA A 201 -2.97 -48.27 -7.35
CA ALA A 201 -1.97 -48.37 -8.42
C ALA A 201 -2.06 -47.13 -9.31
N ALA A 202 -3.03 -46.23 -9.06
CA ALA A 202 -3.27 -45.05 -9.94
C ALA A 202 -2.91 -43.76 -9.20
N VAL A 203 -2.25 -42.88 -9.90
CA VAL A 203 -2.00 -41.48 -9.44
C VAL A 203 -2.65 -40.54 -10.46
N LYS A 204 -3.33 -39.51 -9.97
CA LYS A 204 -3.90 -38.46 -10.83
C LYS A 204 -3.01 -37.23 -10.66
N PHE A 205 -2.27 -36.90 -11.71
CA PHE A 205 -1.43 -35.70 -11.78
C PHE A 205 -2.27 -34.56 -12.38
N MET A 206 -2.61 -33.56 -11.58
CA MET A 206 -3.54 -32.48 -12.01
C MET A 206 -2.79 -31.43 -12.84
N GLU A 207 -1.54 -31.16 -12.46
CA GLU A 207 -0.72 -30.12 -13.12
C GLU A 207 0.75 -30.31 -12.75
N LEU A 208 1.59 -30.14 -13.76
CA LEU A 208 3.05 -30.02 -13.64
C LEU A 208 3.48 -28.77 -14.39
N GLY A 209 3.68 -27.70 -13.66
CA GLY A 209 4.25 -26.44 -14.18
C GLY A 209 5.73 -26.50 -14.08
N ILE A 210 6.42 -26.17 -15.18
CA ILE A 210 7.90 -26.23 -15.29
C ILE A 210 8.34 -24.86 -15.79
N TYR A 211 8.74 -24.02 -14.85
CA TYR A 211 9.05 -22.59 -15.12
C TYR A 211 10.54 -22.48 -15.43
N GLY A 212 10.84 -21.83 -16.54
CA GLY A 212 12.23 -21.60 -16.96
C GLY A 212 12.27 -20.57 -18.07
N TYR A 213 13.36 -20.57 -18.81
CA TYR A 213 13.68 -19.53 -19.80
C TYR A 213 13.90 -20.15 -21.17
N GLU A 214 13.70 -19.32 -22.19
CA GLU A 214 13.94 -19.71 -23.60
C GLU A 214 15.41 -20.07 -23.78
N ASN A 215 16.32 -19.41 -23.05
CA ASN A 215 17.79 -19.58 -23.20
C ASN A 215 18.54 -18.98 -21.98
N GLU A 216 19.86 -19.19 -21.91
CA GLU A 216 20.67 -18.71 -20.76
C GLU A 216 20.62 -17.19 -20.72
N GLN A 217 20.59 -16.52 -21.88
CA GLN A 217 20.64 -15.03 -21.99
C GLN A 217 19.47 -14.44 -21.21
N ASP A 218 18.30 -15.08 -21.28
CA ASP A 218 17.05 -14.59 -20.64
C ASP A 218 17.03 -14.84 -19.12
N VAL A 219 17.93 -15.69 -18.58
CA VAL A 219 17.89 -16.03 -17.12
C VAL A 219 18.03 -14.73 -16.35
N GLN A 220 17.13 -14.52 -15.39
CA GLN A 220 17.08 -13.27 -14.58
C GLN A 220 18.14 -13.31 -13.47
N SER A 221 18.41 -12.16 -12.86
CA SER A 221 19.31 -12.08 -11.68
C SER A 221 18.76 -11.04 -10.70
N GLN A 222 19.00 -11.29 -9.42
CA GLN A 222 18.74 -10.33 -8.33
C GLN A 222 19.80 -9.25 -8.44
N ASP A 223 19.38 -8.02 -8.67
CA ASP A 223 20.27 -6.87 -8.96
C ASP A 223 19.89 -5.74 -8.00
N GLY A 224 20.12 -5.94 -6.69
CA GLY A 224 19.71 -5.04 -5.60
C GLY A 224 18.20 -4.94 -5.42
N PRO A 225 17.73 -3.94 -4.64
CA PRO A 225 16.30 -3.78 -4.40
C PRO A 225 15.50 -3.44 -5.66
N ARG A 226 14.24 -3.86 -5.72
CA ARG A 226 13.37 -3.51 -6.86
C ARG A 226 12.97 -2.04 -6.74
N ARG A 227 13.00 -1.54 -5.51
CA ARG A 227 12.62 -0.13 -5.28
C ARG A 227 13.34 0.43 -4.05
N VAL A 228 13.70 1.71 -4.10
CA VAL A 228 14.14 2.47 -2.90
C VAL A 228 12.93 3.31 -2.48
N ILE A 229 12.63 3.29 -1.19
CA ILE A 229 11.52 4.05 -0.58
C ILE A 229 12.17 4.89 0.51
N ASP A 230 12.37 6.19 0.25
CA ASP A 230 13.02 7.06 1.25
C ASP A 230 12.70 8.51 0.88
N ASN A 231 13.29 9.43 1.63
CA ASN A 231 13.01 10.86 1.51
C ASN A 231 13.32 11.33 0.08
N GLU A 232 14.35 10.78 -0.56
CA GLU A 232 14.73 11.17 -1.95
C GLU A 232 13.92 10.38 -2.98
N HIS A 233 13.22 9.32 -2.54
CA HIS A 233 12.42 8.44 -3.43
C HIS A 233 11.11 8.10 -2.77
N PRO A 234 10.20 9.08 -2.56
CA PRO A 234 8.93 8.81 -1.92
C PRO A 234 8.02 7.99 -2.84
N MET A 235 7.00 7.39 -2.25
CA MET A 235 6.13 6.47 -3.02
C MET A 235 4.66 6.81 -2.75
N MET A 236 3.89 7.00 -3.80
CA MET A 236 2.43 7.12 -3.72
C MET A 236 1.85 5.77 -4.15
N ILE A 237 1.01 5.22 -3.30
CA ILE A 237 0.26 3.96 -3.60
C ILE A 237 -1.16 4.34 -3.99
N ALA A 238 -1.70 3.82 -5.09
CA ALA A 238 -3.14 3.94 -5.37
C ALA A 238 -3.75 2.53 -5.33
N THR A 239 -4.83 2.36 -4.59
CA THR A 239 -5.54 1.06 -4.52
C THR A 239 -6.37 0.89 -5.79
N ALA A 240 -6.17 -0.24 -6.47
CA ALA A 240 -6.95 -0.70 -7.62
C ALA A 240 -7.85 -1.84 -7.13
N TYR A 241 -9.03 -1.50 -6.65
CA TYR A 241 -10.05 -2.45 -6.16
C TYR A 241 -10.74 -3.10 -7.36
N SER A 242 -10.77 -4.43 -7.37
CA SER A 242 -11.71 -5.18 -8.23
C SER A 242 -13.10 -4.64 -8.05
N ASN A 243 -13.88 -4.60 -9.13
CA ASN A 243 -15.32 -4.28 -9.03
C ASN A 243 -16.08 -5.55 -8.65
N ASP A 244 -15.39 -6.67 -8.32
CA ASP A 244 -15.96 -7.95 -7.81
C ASP A 244 -16.51 -8.79 -8.97
N VAL A 245 -16.16 -8.43 -10.21
CA VAL A 245 -16.60 -9.13 -11.44
C VAL A 245 -15.34 -9.67 -12.11
N TYR A 246 -15.27 -10.97 -12.32
CA TYR A 246 -14.13 -11.56 -13.04
C TYR A 246 -14.55 -12.94 -13.50
N GLU A 247 -14.07 -13.35 -14.66
CA GLU A 247 -14.29 -14.70 -15.18
C GLU A 247 -12.96 -15.20 -15.69
N ILE A 248 -12.49 -16.31 -15.14
CA ILE A 248 -11.22 -16.91 -15.63
C ILE A 248 -11.37 -17.10 -17.15
N GLY A 249 -10.36 -16.65 -17.89
CA GLY A 249 -10.32 -16.73 -19.35
C GLY A 249 -10.86 -15.49 -20.02
N GLN A 250 -11.37 -14.51 -19.27
CA GLN A 250 -11.88 -13.28 -19.93
C GLN A 250 -10.73 -12.64 -20.72
N GLU A 251 -11.04 -12.04 -21.85
CA GLU A 251 -10.05 -11.36 -22.74
C GLU A 251 -9.68 -9.97 -22.20
N GLU A 252 -10.66 -9.22 -21.70
CA GLU A 252 -10.46 -7.84 -21.18
C GLU A 252 -9.76 -7.95 -19.82
N GLY A 253 -8.96 -6.94 -19.47
CA GLY A 253 -8.34 -6.87 -18.15
C GLY A 253 -9.42 -6.81 -17.05
N PRO A 254 -9.03 -7.06 -15.80
CA PRO A 254 -9.94 -7.03 -14.67
C PRO A 254 -10.56 -5.63 -14.56
N GLU A 255 -11.87 -5.57 -14.44
CA GLU A 255 -12.58 -4.30 -14.18
C GLU A 255 -12.28 -3.87 -12.74
N LEU A 256 -12.00 -2.59 -12.52
CA LEU A 256 -11.86 -2.03 -11.16
C LEU A 256 -13.11 -1.19 -10.81
N GLN A 257 -13.21 -0.83 -9.56
CA GLN A 257 -14.26 0.10 -9.08
C GLN A 257 -14.29 1.36 -9.96
N GLY A 258 -15.48 1.90 -10.22
CA GLY A 258 -15.69 3.19 -10.92
C GLY A 258 -15.20 3.18 -12.35
N SER A 259 -15.37 2.07 -13.08
CA SER A 259 -15.06 1.95 -14.52
C SER A 259 -13.56 2.21 -14.76
N ASN A 260 -12.73 1.92 -13.79
CA ASN A 260 -11.27 2.09 -13.90
C ASN A 260 -10.66 0.79 -14.43
N THR A 261 -9.47 0.89 -15.03
CA THR A 261 -8.68 -0.30 -15.41
C THR A 261 -7.26 -0.15 -14.89
N VAL A 262 -6.51 -1.25 -14.84
CA VAL A 262 -5.12 -1.19 -14.32
C VAL A 262 -4.28 -0.27 -15.21
N ASP A 263 -4.36 -0.48 -16.52
CA ASP A 263 -3.57 0.30 -17.49
C ASP A 263 -4.13 1.72 -17.48
N GLY A 264 -5.45 1.89 -17.31
CA GLY A 264 -6.04 3.24 -17.39
C GLY A 264 -5.59 4.08 -16.21
N ARG A 265 -5.55 3.49 -15.01
CA ARG A 265 -5.09 4.21 -13.80
C ARG A 265 -3.62 4.59 -14.05
N TRP A 266 -2.82 3.68 -14.56
CA TRP A 266 -1.38 3.97 -14.75
C TRP A 266 -1.20 5.12 -15.73
N ASN A 267 -1.92 5.10 -16.83
CA ASN A 267 -1.74 6.11 -17.90
C ASN A 267 -2.30 7.46 -17.42
N ALA A 268 -3.16 7.51 -16.42
CA ALA A 268 -3.71 8.79 -15.88
C ALA A 268 -2.63 9.53 -15.07
N ILE A 269 -1.60 8.84 -14.58
CA ILE A 269 -0.58 9.47 -13.69
C ILE A 269 0.25 10.41 -14.55
N PRO A 270 0.45 11.67 -14.15
CA PRO A 270 1.36 12.53 -14.91
C PRO A 270 2.71 11.85 -15.09
N ASP A 271 3.27 11.96 -16.30
CA ASP A 271 4.49 11.23 -16.67
C ASP A 271 5.61 11.49 -15.66
N ASP A 272 5.73 12.71 -15.15
CA ASP A 272 6.86 13.03 -14.24
C ASP A 272 6.63 12.46 -12.82
N LEU A 273 5.47 11.90 -12.53
CA LEU A 273 5.24 11.26 -11.20
C LEU A 273 5.22 9.74 -11.33
N LYS A 274 5.32 9.16 -12.54
CA LYS A 274 5.11 7.69 -12.66
C LYS A 274 6.17 6.91 -11.86
N GLU A 275 7.42 7.37 -11.85
CA GLU A 275 8.53 6.69 -11.13
C GLU A 275 8.34 6.75 -9.62
N ASN A 276 7.42 7.55 -9.11
CA ASN A 276 7.16 7.62 -7.65
C ASN A 276 5.80 7.03 -7.33
N ASN A 277 5.20 6.23 -8.24
CA ASN A 277 3.85 5.68 -8.02
C ASN A 277 3.89 4.16 -8.12
N VAL A 278 2.98 3.53 -7.39
N VAL A 278 2.97 3.50 -7.42
CA VAL A 278 2.67 2.09 -7.56
CA VAL A 278 2.76 2.02 -7.49
C VAL A 278 1.18 1.92 -7.58
C VAL A 278 1.26 1.79 -7.41
N LEU A 279 0.75 0.80 -8.16
CA LEU A 279 -0.65 0.36 -8.07
C LEU A 279 -0.72 -0.86 -7.15
N LEU A 280 -1.69 -0.82 -6.24
CA LEU A 280 -1.99 -1.90 -5.29
C LEU A 280 -3.21 -2.66 -5.83
N LEU A 281 -3.02 -3.92 -6.24
CA LEU A 281 -4.16 -4.76 -6.71
C LEU A 281 -4.85 -5.31 -5.47
N HIS A 282 -6.14 -5.05 -5.35
CA HIS A 282 -6.95 -5.40 -4.17
C HIS A 282 -8.15 -6.21 -4.66
N THR A 283 -8.27 -7.46 -4.18
CA THR A 283 -9.34 -8.40 -4.59
C THR A 283 -10.71 -7.92 -4.13
N ASN A 284 -10.78 -7.04 -3.15
CA ASN A 284 -12.06 -6.44 -2.72
C ASN A 284 -12.98 -7.59 -2.32
N ASN A 285 -14.21 -7.63 -2.80
CA ASN A 285 -15.16 -8.72 -2.43
C ASN A 285 -15.22 -9.77 -3.55
N LEU A 286 -14.21 -9.85 -4.40
CA LEU A 286 -14.20 -10.86 -5.48
C LEU A 286 -14.30 -12.26 -4.88
N ARG A 287 -15.30 -13.03 -5.35
CA ARG A 287 -15.62 -14.42 -4.89
C ARG A 287 -15.59 -14.50 -3.38
N GLN A 288 -16.05 -13.46 -2.68
CA GLN A 288 -15.97 -13.43 -1.20
C GLN A 288 -16.65 -14.67 -0.62
N PHE A 289 -15.95 -15.30 0.33
CA PHE A 289 -16.38 -16.45 1.16
C PHE A 289 -16.24 -17.78 0.41
N ALA A 290 -15.76 -17.76 -0.82
CA ALA A 290 -15.67 -18.95 -1.66
C ALA A 290 -14.82 -20.02 -0.98
N PRO A 291 -15.16 -21.29 -1.22
CA PRO A 291 -14.31 -22.38 -0.79
C PRO A 291 -13.00 -22.41 -1.60
N ASP A 292 -12.07 -23.25 -1.15
CA ASP A 292 -10.62 -23.20 -1.44
C ASP A 292 -10.36 -23.19 -2.94
N HIS A 293 -11.00 -24.07 -3.71
CA HIS A 293 -10.71 -24.24 -5.15
C HIS A 293 -11.10 -22.96 -5.91
N ILE A 294 -12.21 -22.34 -5.57
CA ILE A 294 -12.67 -21.11 -6.27
C ILE A 294 -11.86 -19.91 -5.77
N GLY A 295 -11.65 -19.81 -4.47
CA GLY A 295 -10.90 -18.69 -3.86
C GLY A 295 -9.49 -18.66 -4.40
N GLN A 296 -8.78 -19.79 -4.42
CA GLN A 296 -7.37 -19.74 -4.86
C GLN A 296 -7.32 -19.46 -6.37
N ALA A 297 -8.21 -20.06 -7.17
CA ALA A 297 -8.22 -19.87 -8.64
C ALA A 297 -8.36 -18.38 -8.94
N TYR A 298 -9.29 -17.72 -8.26
CA TYR A 298 -9.65 -16.30 -8.53
C TYR A 298 -8.58 -15.36 -7.94
N LEU A 299 -8.06 -15.64 -6.75
CA LEU A 299 -6.95 -14.82 -6.20
C LEU A 299 -5.81 -14.79 -7.23
N GLN A 300 -5.42 -15.94 -7.74
CA GLN A 300 -4.26 -16.04 -8.66
C GLN A 300 -4.62 -15.42 -10.01
N ALA A 301 -5.76 -15.74 -10.60
CA ALA A 301 -6.15 -15.26 -11.95
C ALA A 301 -6.23 -13.71 -11.94
N PHE A 302 -6.85 -13.14 -10.93
CA PHE A 302 -7.04 -11.67 -10.79
C PHE A 302 -5.67 -11.01 -10.70
N HIS A 303 -4.79 -11.44 -9.78
CA HIS A 303 -3.45 -10.82 -9.59
C HIS A 303 -2.58 -11.03 -10.81
N GLU A 304 -2.56 -12.24 -11.40
CA GLU A 304 -1.71 -12.48 -12.58
C GLU A 304 -2.15 -11.58 -13.74
N HIS A 305 -3.45 -11.40 -13.91
CA HIS A 305 -3.99 -10.62 -15.05
C HIS A 305 -3.57 -9.16 -14.85
N GLY A 306 -3.78 -8.67 -13.63
CA GLY A 306 -3.35 -7.31 -13.25
C GLY A 306 -1.86 -7.12 -13.49
N LEU A 307 -1.03 -8.05 -13.01
CA LEU A 307 0.43 -7.99 -13.17
C LEU A 307 0.83 -7.95 -14.63
N GLN A 308 0.14 -8.76 -15.46
CA GLN A 308 0.50 -8.83 -16.88
C GLN A 308 0.17 -7.49 -17.53
N ILE A 309 -1.01 -6.93 -17.25
CA ILE A 309 -1.41 -5.62 -17.84
C ILE A 309 -0.43 -4.55 -17.37
N ALA A 310 -0.09 -4.55 -16.09
CA ALA A 310 0.89 -3.60 -15.53
C ALA A 310 2.25 -3.79 -16.21
N TYR A 311 2.67 -5.03 -16.42
CA TYR A 311 4.01 -5.30 -17.00
C TYR A 311 4.08 -4.66 -18.39
N GLU A 312 3.03 -4.79 -19.18
CA GLU A 312 2.97 -4.25 -20.55
C GLU A 312 3.09 -2.74 -20.49
N GLN A 313 2.60 -2.11 -19.43
CA GLN A 313 2.60 -0.64 -19.30
C GLN A 313 3.84 -0.14 -18.55
N GLY A 314 4.65 -1.03 -17.99
CA GLY A 314 5.78 -0.62 -17.13
C GLY A 314 5.35 -0.16 -15.75
N ALA A 315 4.21 -0.61 -15.28
CA ALA A 315 3.64 -0.15 -14.00
C ALA A 315 4.09 -1.10 -12.90
N PRO A 316 4.76 -0.59 -11.85
CA PRO A 316 5.07 -1.38 -10.67
C PRO A 316 3.84 -1.68 -9.81
N ILE A 317 3.84 -2.86 -9.16
CA ILE A 317 2.64 -3.46 -8.54
C ILE A 317 2.91 -3.87 -7.10
N MET A 318 1.94 -3.61 -6.26
CA MET A 318 1.84 -4.30 -4.97
C MET A 318 0.59 -5.18 -5.02
N LEU A 319 0.64 -6.31 -4.34
CA LEU A 319 -0.58 -7.13 -4.17
C LEU A 319 -1.08 -6.99 -2.75
N LEU A 320 -2.39 -7.00 -2.56
CA LEU A 320 -2.98 -7.20 -1.22
C LEU A 320 -2.69 -8.62 -0.77
N GLY A 321 -1.93 -8.77 0.31
CA GLY A 321 -1.54 -10.10 0.81
C GLY A 321 -2.51 -10.58 1.87
N LEU A 322 -3.11 -9.66 2.62
CA LEU A 322 -3.86 -10.00 3.85
C LEU A 322 -4.72 -8.81 4.25
N THR A 323 -6.00 -9.05 4.43
CA THR A 323 -6.94 -8.14 5.11
C THR A 323 -7.97 -8.97 5.87
N ALA A 324 -8.51 -8.42 6.95
CA ALA A 324 -9.64 -9.02 7.70
C ALA A 324 -9.26 -10.43 8.17
N ALA A 325 -7.99 -10.63 8.50
CA ALA A 325 -7.44 -11.88 9.05
C ALA A 325 -7.75 -13.04 8.09
N ALA A 326 -7.99 -12.72 6.81
CA ALA A 326 -8.23 -13.71 5.74
C ALA A 326 -6.90 -14.26 5.24
N THR A 327 -6.45 -15.32 5.91
CA THR A 327 -5.14 -15.98 5.65
C THR A 327 -5.34 -17.50 5.63
N PRO A 328 -4.52 -18.22 4.85
CA PRO A 328 -4.54 -19.69 4.88
C PRO A 328 -4.03 -20.23 6.22
N GLU A 329 -3.39 -19.39 7.03
CA GLU A 329 -2.83 -19.83 8.32
C GLU A 329 -3.98 -20.33 9.19
N ASN A 330 -3.72 -21.35 10.01
CA ASN A 330 -4.72 -21.93 10.96
C ASN A 330 -5.38 -20.77 11.71
N GLY A 331 -6.71 -20.77 11.76
CA GLY A 331 -7.51 -19.76 12.49
C GLY A 331 -7.87 -18.56 11.63
N GLY A 332 -7.48 -18.55 10.35
CA GLY A 332 -7.80 -17.43 9.44
C GLY A 332 -9.28 -17.33 9.14
N THR A 333 -9.72 -16.20 8.62
CA THR A 333 -11.11 -16.03 8.11
C THR A 333 -11.12 -16.27 6.60
N GLN A 334 -12.31 -16.23 6.01
CA GLN A 334 -12.48 -16.16 4.54
C GLN A 334 -13.21 -14.87 4.18
N TYR A 335 -12.89 -13.76 4.84
CA TYR A 335 -13.49 -12.45 4.49
C TYR A 335 -12.96 -11.96 3.14
N ASN A 336 -11.85 -12.53 2.69
CA ASN A 336 -11.25 -12.15 1.39
C ASN A 336 -10.59 -13.41 0.82
N ILE A 337 -10.49 -13.50 -0.49
CA ILE A 337 -9.84 -14.67 -1.13
C ILE A 337 -8.33 -14.66 -0.87
N THR A 338 -7.75 -13.66 -0.18
CA THR A 338 -6.38 -13.78 0.39
C THR A 338 -6.31 -15.01 1.30
N ALA A 339 -7.43 -15.51 1.81
CA ALA A 339 -7.48 -16.77 2.62
C ALA A 339 -6.89 -17.94 1.82
N ASP A 340 -6.83 -17.81 0.51
CA ASP A 340 -6.40 -18.92 -0.38
C ASP A 340 -4.99 -18.69 -0.95
N MET A 341 -4.22 -17.78 -0.37
CA MET A 341 -2.80 -17.49 -0.75
C MET A 341 -1.97 -18.76 -0.71
N ASP A 342 -1.20 -18.98 -1.76
CA ASP A 342 -0.17 -20.05 -1.84
C ASP A 342 1.16 -19.31 -1.87
N TYR A 343 2.00 -19.49 -0.87
CA TYR A 343 3.30 -18.76 -0.80
C TYR A 343 4.18 -19.13 -1.98
N GLY A 344 4.07 -20.36 -2.48
CA GLY A 344 4.84 -20.71 -3.69
C GLY A 344 4.41 -19.89 -4.90
N TRP A 345 3.13 -19.64 -5.05
CA TRP A 345 2.56 -18.77 -6.10
C TRP A 345 3.03 -17.32 -5.89
N LEU A 346 3.11 -16.86 -4.65
CA LEU A 346 3.55 -15.45 -4.40
C LEU A 346 5.03 -15.32 -4.78
N ASP A 347 5.84 -16.34 -4.44
CA ASP A 347 7.24 -16.40 -4.88
C ASP A 347 7.29 -16.35 -6.42
N LEU A 348 6.45 -17.15 -7.08
CA LEU A 348 6.48 -17.22 -8.55
C LEU A 348 6.16 -15.84 -9.12
N MET A 349 5.26 -15.09 -8.48
CA MET A 349 4.86 -13.76 -9.05
C MET A 349 6.06 -12.82 -9.05
N TYR A 350 6.89 -12.86 -8.01
CA TYR A 350 8.16 -12.08 -7.98
C TYR A 350 9.11 -12.56 -9.08
N ARG A 351 9.24 -13.88 -9.30
CA ARG A 351 10.18 -14.36 -10.33
C ARG A 351 9.65 -13.99 -11.72
N MET A 352 8.36 -14.14 -11.95
CA MET A 352 7.76 -14.03 -13.29
C MET A 352 7.63 -12.55 -13.69
N TYR A 353 7.27 -11.69 -12.74
CA TYR A 353 6.90 -10.28 -13.04
C TYR A 353 7.91 -9.34 -12.40
N PRO A 354 8.87 -8.80 -13.16
CA PRO A 354 9.89 -7.91 -12.61
C PRO A 354 9.27 -6.63 -12.01
N ASN A 355 8.04 -6.32 -12.40
CA ASN A 355 7.28 -5.12 -11.91
C ASN A 355 6.57 -5.46 -10.61
N MET A 356 6.53 -6.74 -10.20
CA MET A 356 5.98 -7.09 -8.88
C MET A 356 6.97 -6.62 -7.81
N GLN A 357 6.52 -5.77 -6.88
CA GLN A 357 7.42 -5.13 -5.89
C GLN A 357 6.99 -5.42 -4.46
N GLY A 358 5.71 -5.34 -4.16
CA GLY A 358 5.35 -5.28 -2.74
C GLY A 358 4.09 -6.04 -2.40
N VAL A 359 3.94 -6.24 -1.12
CA VAL A 359 2.76 -6.87 -0.50
C VAL A 359 2.17 -5.87 0.49
N PHE A 360 0.85 -5.78 0.53
CA PHE A 360 0.12 -4.85 1.42
C PHE A 360 -0.71 -5.64 2.41
N ASN A 361 -0.75 -5.19 3.66
CA ASN A 361 -1.57 -5.77 4.73
C ASN A 361 -2.32 -4.64 5.40
N THR A 362 -3.62 -4.80 5.65
CA THR A 362 -4.39 -3.80 6.40
C THR A 362 -5.56 -4.43 7.14
N ALA A 363 -5.94 -3.85 8.27
CA ALA A 363 -7.26 -4.06 8.92
C ALA A 363 -7.49 -5.56 9.19
N ASN A 364 -6.57 -6.17 9.92
CA ASN A 364 -6.65 -7.60 10.29
C ASN A 364 -7.18 -7.78 11.71
N PHE A 365 -6.70 -7.02 12.70
CA PHE A 365 -6.75 -7.45 14.13
C PHE A 365 -8.19 -7.48 14.69
N TRP A 366 -9.13 -6.80 14.06
CA TRP A 366 -10.57 -6.89 14.43
C TRP A 366 -11.10 -8.32 14.26
N ALA A 367 -10.46 -9.13 13.40
CA ALA A 367 -10.95 -10.48 13.01
C ALA A 367 -10.00 -11.58 13.50
N GLY A 368 -8.84 -11.22 14.05
CA GLY A 368 -7.88 -12.19 14.61
C GLY A 368 -6.47 -11.65 14.58
N ILE A 369 -5.61 -12.14 15.47
CA ILE A 369 -4.29 -11.52 15.72
C ILE A 369 -3.20 -12.43 15.20
N HIS A 370 -3.07 -13.63 15.76
CA HIS A 370 -1.90 -14.48 15.48
C HIS A 370 -1.92 -14.97 14.03
N PRO A 371 -3.05 -15.47 13.47
CA PRO A 371 -3.02 -15.99 12.10
C PRO A 371 -2.54 -14.96 11.08
N PRO A 372 -3.02 -13.69 11.06
CA PRO A 372 -2.45 -12.68 10.16
C PRO A 372 -0.98 -12.30 10.42
N CYS A 373 -0.51 -12.38 11.66
CA CYS A 373 0.95 -12.28 11.94
C CYS A 373 1.70 -13.46 11.32
N GLU A 374 1.22 -14.69 11.48
CA GLU A 374 1.90 -15.88 10.89
C GLU A 374 2.02 -15.71 9.37
N GLY A 375 0.95 -15.28 8.71
CA GLY A 375 0.97 -15.07 7.26
C GLY A 375 1.92 -13.97 6.86
N SER A 376 1.87 -12.85 7.57
CA SER A 376 2.71 -11.65 7.32
C SER A 376 4.19 -11.99 7.44
N ALA A 377 4.56 -12.82 8.41
CA ALA A 377 5.96 -13.24 8.64
C ALA A 377 6.50 -13.97 7.39
N LYS A 378 5.67 -14.83 6.79
CA LYS A 378 6.08 -15.58 5.58
C LYS A 378 6.15 -14.62 4.38
N MET A 379 5.19 -13.73 4.24
CA MET A 379 5.15 -12.86 3.05
C MET A 379 6.23 -11.79 3.15
N LEU A 380 6.61 -11.39 4.36
CA LEU A 380 7.68 -10.38 4.50
C LEU A 380 9.00 -11.03 4.04
N GLU A 381 9.23 -12.28 4.46
CA GLU A 381 10.44 -13.01 4.03
C GLU A 381 10.48 -13.09 2.50
N ILE A 382 9.36 -13.42 1.86
CA ILE A 382 9.30 -13.57 0.37
C ILE A 382 9.63 -12.23 -0.26
N ALA A 383 8.97 -11.16 0.17
CA ALA A 383 9.21 -9.83 -0.41
C ALA A 383 10.70 -9.48 -0.30
N ASP A 384 11.29 -9.65 0.88
CA ASP A 384 12.70 -9.25 1.12
C ASP A 384 13.66 -10.11 0.29
N ARG A 385 13.35 -11.38 0.10
CA ARG A 385 14.20 -12.26 -0.74
C ARG A 385 14.39 -11.64 -2.12
N PHE A 386 13.34 -11.02 -2.66
CA PHE A 386 13.39 -10.50 -4.05
C PHE A 386 13.65 -8.99 -4.06
N GLY A 387 14.04 -8.42 -2.93
CA GLY A 387 14.37 -6.99 -2.86
C GLY A 387 13.13 -6.15 -2.92
N GLY A 388 11.99 -6.76 -2.54
CA GLY A 388 10.70 -6.06 -2.51
C GLY A 388 10.43 -5.50 -1.13
N PHE A 389 9.19 -5.15 -0.88
CA PHE A 389 8.80 -4.48 0.38
C PHE A 389 7.41 -4.92 0.80
N PHE A 390 7.13 -4.63 2.07
CA PHE A 390 5.89 -5.04 2.76
C PHE A 390 5.31 -3.82 3.47
N VAL A 391 4.09 -3.43 3.16
CA VAL A 391 3.44 -2.25 3.77
C VAL A 391 2.30 -2.74 4.65
N TRP A 392 2.32 -2.33 5.90
CA TRP A 392 1.30 -2.63 6.92
C TRP A 392 0.59 -1.32 7.26
N SER A 393 -0.70 -1.23 6.94
CA SER A 393 -1.54 -0.04 7.19
C SER A 393 -2.49 -0.32 8.35
N ASP A 394 -2.46 0.52 9.38
CA ASP A 394 -3.39 0.38 10.53
C ASP A 394 -3.26 1.59 11.45
N GLN A 395 -4.30 1.84 12.23
CA GLN A 395 -4.30 2.82 13.33
C GLN A 395 -3.95 2.05 14.60
N ASP A 396 -3.13 2.65 15.45
CA ASP A 396 -2.65 2.02 16.71
C ASP A 396 -3.32 2.71 17.88
N HIS A 397 -4.42 2.12 18.36
CA HIS A 397 -5.12 2.49 19.62
C HIS A 397 -4.19 2.20 20.81
N GLY A 398 -3.09 1.44 20.61
CA GLY A 398 -2.14 1.07 21.67
C GLY A 398 -1.64 -0.36 21.53
N SER A 399 -2.43 -1.25 20.92
CA SER A 399 -2.12 -2.71 20.84
C SER A 399 -1.62 -3.14 19.45
N THR A 400 -1.59 -2.30 18.41
CA THR A 400 -1.31 -2.79 17.04
C THR A 400 0.15 -3.29 16.95
N VAL A 401 1.14 -2.43 17.22
CA VAL A 401 2.55 -2.89 17.14
C VAL A 401 2.80 -3.96 18.20
N THR A 402 2.27 -3.78 19.43
CA THR A 402 2.50 -4.72 20.55
C THR A 402 2.00 -6.10 20.08
N ASN A 403 0.90 -6.13 19.35
CA ASN A 403 0.31 -7.39 18.81
C ASN A 403 1.28 -8.01 17.78
N ILE A 404 1.77 -7.21 16.84
CA ILE A 404 2.71 -7.65 15.78
C ILE A 404 3.90 -8.38 16.43
N VAL A 405 4.50 -7.78 17.46
CA VAL A 405 5.74 -8.30 18.12
C VAL A 405 5.40 -9.41 19.13
N SER A 406 4.16 -9.51 19.60
CA SER A 406 3.68 -10.61 20.48
C SER A 406 3.71 -11.93 19.72
N ASN A 407 3.81 -11.91 18.38
CA ASN A 407 3.89 -13.15 17.58
C ASN A 407 5.38 -13.51 17.38
N ALA A 408 5.83 -14.67 17.84
CA ALA A 408 7.27 -15.00 17.81
C ALA A 408 7.78 -15.01 16.37
N ASN A 409 7.05 -15.59 15.42
CA ASN A 409 7.48 -15.70 14.02
C ASN A 409 7.55 -14.30 13.37
N MET A 410 6.58 -13.44 13.63
CA MET A 410 6.57 -12.08 13.04
C MET A 410 7.71 -11.25 13.67
N LYS A 411 7.90 -11.33 14.98
CA LYS A 411 9.02 -10.66 15.67
C LYS A 411 10.35 -11.02 14.99
N LYS A 412 10.57 -12.31 14.73
CA LYS A 412 11.84 -12.84 14.17
C LYS A 412 11.97 -12.37 12.71
N ALA A 413 10.88 -12.39 11.94
CA ALA A 413 10.89 -11.96 10.54
C ALA A 413 11.26 -10.48 10.49
N LEU A 414 10.75 -9.67 11.42
CA LEU A 414 11.10 -8.23 11.46
C LEU A 414 12.56 -8.05 11.85
N GLU A 415 13.11 -8.89 12.73
CA GLU A 415 14.53 -8.79 13.12
C GLU A 415 15.37 -9.00 11.84
N LYS A 416 14.97 -9.90 10.96
CA LYS A 416 15.82 -10.25 9.78
C LYS A 416 15.46 -9.37 8.59
N HIS A 417 14.20 -8.94 8.43
CA HIS A 417 13.69 -8.34 7.16
C HIS A 417 13.11 -6.93 7.38
N GLY A 418 13.30 -6.33 8.56
CA GLY A 418 12.74 -5.03 9.00
C GLY A 418 12.95 -3.90 8.00
N ASP A 419 14.09 -3.88 7.30
CA ASP A 419 14.40 -2.79 6.32
C ASP A 419 13.40 -2.81 5.14
N ALA A 420 12.69 -3.92 4.89
CA ALA A 420 11.72 -4.03 3.78
C ALA A 420 10.30 -3.82 4.31
N PHE A 421 10.16 -3.48 5.59
CA PHE A 421 8.85 -3.39 6.28
C PHE A 421 8.52 -1.91 6.60
N TYR A 422 7.33 -1.48 6.22
CA TYR A 422 6.87 -0.05 6.34
C TYR A 422 5.52 -0.04 7.07
N LEU A 423 5.39 0.82 8.09
CA LEU A 423 4.10 1.05 8.79
C LEU A 423 3.53 2.40 8.31
N ILE A 424 2.29 2.41 7.85
CA ILE A 424 1.56 3.67 7.51
C ILE A 424 0.29 3.72 8.33
N TYR A 425 -0.06 4.91 8.80
CA TYR A 425 -1.29 5.13 9.59
C TYR A 425 -2.53 4.90 8.72
N LYS A 426 -3.68 4.85 9.39
CA LYS A 426 -4.96 4.58 8.70
C LYS A 426 -6.05 5.24 9.53
N ASN A 427 -6.52 6.43 9.12
CA ASN A 427 -7.38 7.25 10.02
C ASN A 427 -8.89 7.01 9.75
N THR A 428 -9.28 5.85 9.21
CA THR A 428 -10.70 5.46 9.01
C THR A 428 -11.54 5.74 10.26
N SER A 429 -11.06 5.31 11.44
CA SER A 429 -11.79 5.53 12.71
C SER A 429 -11.40 6.86 13.34
N SER A 430 -11.74 7.94 12.63
CA SER A 430 -11.30 9.31 12.95
C SER A 430 -11.90 9.75 14.29
N ASN A 431 -12.99 9.11 14.69
CA ASN A 431 -13.72 9.40 15.95
C ASN A 431 -12.91 8.91 17.15
N GLN A 432 -11.92 8.03 16.96
CA GLN A 432 -11.00 7.57 18.03
C GLN A 432 -9.70 8.36 17.87
N PRO A 433 -9.31 9.15 18.88
CA PRO A 433 -8.24 10.13 18.70
C PRO A 433 -6.81 9.56 18.77
N ASP A 434 -6.55 8.53 17.96
CA ASP A 434 -5.27 7.79 17.98
C ASP A 434 -4.44 8.20 16.77
N ASP A 435 -4.86 9.24 16.05
CA ASP A 435 -4.13 9.60 14.80
C ASP A 435 -2.70 10.00 15.18
N LEU A 436 -2.52 10.91 16.13
CA LEU A 436 -1.19 11.51 16.42
C LEU A 436 -0.31 10.46 17.12
N LYS A 437 -0.88 9.64 17.99
CA LYS A 437 -0.11 8.54 18.62
C LYS A 437 0.39 7.55 17.56
N THR A 438 -0.43 7.24 16.56
CA THR A 438 -0.05 6.26 15.53
C THR A 438 1.16 6.80 14.77
N SER A 439 1.09 8.05 14.30
CA SER A 439 2.23 8.67 13.58
C SER A 439 3.49 8.60 14.45
N SER A 440 3.36 8.85 15.73
CA SER A 440 4.51 8.83 16.69
C SER A 440 5.09 7.41 16.73
N PHE A 441 4.21 6.42 16.84
CA PHE A 441 4.67 5.01 16.93
C PHE A 441 5.43 4.64 15.66
N PHE A 442 4.90 5.05 14.52
CA PHE A 442 5.40 4.55 13.22
C PHE A 442 6.70 5.30 12.87
N GLN A 443 6.76 6.59 13.16
CA GLN A 443 8.00 7.38 13.02
C GLN A 443 9.05 6.82 13.98
N GLY A 444 8.70 6.60 15.25
CA GLY A 444 9.63 6.05 16.25
C GLY A 444 10.16 4.67 15.85
N SER A 445 9.32 3.81 15.29
CA SER A 445 9.77 2.45 14.92
C SER A 445 10.87 2.58 13.88
N TRP A 446 10.68 3.48 12.91
CA TRP A 446 11.64 3.75 11.82
C TRP A 446 12.91 4.36 12.40
N LEU A 447 12.73 5.36 13.25
CA LEU A 447 13.87 6.13 13.78
C LEU A 447 14.82 5.19 14.54
N ALA A 448 14.27 4.26 15.31
CA ALA A 448 15.06 3.32 16.13
C ALA A 448 15.63 2.19 15.25
N GLY A 449 15.17 2.07 14.01
CA GLY A 449 15.72 1.10 13.05
C GLY A 449 14.99 -0.24 13.09
N TYR A 450 13.77 -0.31 13.61
CA TYR A 450 12.97 -1.57 13.54
C TYR A 450 12.36 -1.75 12.15
N THR A 451 12.09 -0.66 11.44
CA THR A 451 11.39 -0.65 10.14
C THR A 451 12.16 0.22 9.14
N GLY A 452 11.78 0.11 7.87
CA GLY A 452 12.43 0.80 6.75
C GLY A 452 11.88 2.21 6.57
N GLY A 453 10.75 2.54 7.18
CA GLY A 453 10.10 3.87 6.99
C GLY A 453 8.66 3.87 7.43
N TRP A 454 8.03 5.03 7.33
CA TRP A 454 6.63 5.23 7.75
C TRP A 454 5.94 6.12 6.72
N GLY A 455 4.64 6.19 6.81
CA GLY A 455 3.86 7.12 5.98
C GLY A 455 2.41 7.05 6.33
N MET A 456 1.57 7.37 5.36
CA MET A 456 0.15 7.73 5.59
C MET A 456 -0.76 6.97 4.64
N LEU A 457 -1.90 6.58 5.20
CA LEU A 457 -3.14 6.31 4.45
C LEU A 457 -4.22 7.20 5.05
N SER A 458 -4.54 8.25 4.31
CA SER A 458 -5.67 9.14 4.65
C SER A 458 -6.91 8.59 3.94
N ASP A 459 -7.94 8.36 4.71
CA ASP A 459 -9.20 7.72 4.31
C ASP A 459 -10.34 8.72 4.46
N THR A 460 -11.11 9.00 3.41
CA THR A 460 -12.27 9.92 3.48
C THR A 460 -13.38 9.24 4.29
N TRP A 461 -13.32 7.92 4.58
CA TRP A 461 -14.20 7.34 5.61
C TRP A 461 -14.05 8.11 6.92
N ALA A 462 -12.91 8.74 7.17
CA ALA A 462 -12.70 9.59 8.38
C ALA A 462 -13.77 10.68 8.47
N TRP A 463 -14.17 11.24 7.34
CA TRP A 463 -15.17 12.34 7.34
C TRP A 463 -16.49 11.77 7.86
N ASP A 464 -16.80 10.56 7.41
CA ASP A 464 -18.10 9.90 7.71
C ASP A 464 -18.29 9.75 9.22
N LYS A 465 -17.21 9.61 10.01
CA LYS A 465 -17.30 9.33 11.45
C LYS A 465 -17.72 10.60 12.21
N GLN A 466 -17.62 11.80 11.61
CA GLN A 466 -17.78 13.06 12.38
C GLN A 466 -18.62 14.12 11.65
N PHE A 467 -18.58 14.17 10.32
CA PHE A 467 -18.97 15.40 9.58
C PHE A 467 -19.83 15.02 8.37
N SER A 468 -20.55 16.00 7.83
CA SER A 468 -21.30 15.84 6.57
C SER A 468 -21.08 17.11 5.74
N LYS A 469 -22.09 17.96 5.74
CA LYS A 469 -21.98 19.25 5.05
C LYS A 469 -20.83 20.05 5.68
N LEU A 470 -20.31 20.99 4.92
CA LEU A 470 -19.25 21.89 5.41
C LEU A 470 -19.69 22.56 6.71
N TRP A 471 -18.83 22.48 7.73
CA TRP A 471 -19.03 23.11 9.07
C TRP A 471 -20.03 22.33 9.93
N GLN A 472 -20.54 21.20 9.48
CA GLN A 472 -21.63 20.46 10.18
C GLN A 472 -21.21 19.04 10.56
N GLY A 473 -21.89 18.50 11.57
CA GLY A 473 -21.78 17.12 12.04
C GLY A 473 -22.38 16.12 11.05
N ALA A 474 -22.20 14.84 11.35
CA ALA A 474 -22.55 13.73 10.45
C ALA A 474 -24.06 13.67 10.18
N GLY A 475 -24.91 14.09 11.13
CA GLY A 475 -26.38 14.02 11.02
C GLY A 475 -26.81 12.62 10.63
N SER A 476 -27.85 12.53 9.80
CA SER A 476 -28.52 11.24 9.52
C SER A 476 -28.35 10.84 8.04
N TYR A 477 -27.34 11.42 7.37
CA TYR A 477 -27.01 11.10 5.96
C TYR A 477 -26.56 9.64 5.87
N ASN A 478 -26.64 9.10 4.67
CA ASN A 478 -26.08 7.76 4.36
C ASN A 478 -24.55 7.88 4.41
N ASN A 479 -23.86 6.82 4.84
CA ASN A 479 -22.40 6.88 4.97
C ASN A 479 -21.74 7.14 3.60
N TRP A 480 -22.32 6.66 2.49
CA TRP A 480 -21.75 6.89 1.14
C TRP A 480 -21.81 8.39 0.78
N GLN A 481 -22.79 9.13 1.28
CA GLN A 481 -22.79 10.62 1.11
C GLN A 481 -21.64 11.24 1.89
N ARG A 482 -21.49 10.86 3.15
CA ARG A 482 -20.45 11.49 4.01
C ARG A 482 -19.06 11.16 3.48
N LEU A 483 -18.87 10.01 2.87
CA LEU A 483 -17.58 9.63 2.25
C LEU A 483 -17.10 10.69 1.23
N CYS A 484 -18.03 11.41 0.60
CA CYS A 484 -17.75 12.40 -0.48
C CYS A 484 -17.48 13.81 0.07
N GLY A 485 -17.53 14.00 1.38
CA GLY A 485 -17.64 15.31 2.03
C GLY A 485 -16.32 15.98 2.37
N GLU A 486 -15.18 15.30 2.26
CA GLU A 486 -13.92 15.78 2.85
C GLU A 486 -13.30 16.86 1.97
N PRO A 487 -12.81 17.97 2.56
CA PRO A 487 -12.13 18.99 1.78
C PRO A 487 -10.87 18.47 1.11
N GLU A 488 -10.71 18.78 -0.18
CA GLU A 488 -9.54 18.30 -0.96
C GLU A 488 -8.24 18.83 -0.36
N ALA A 489 -8.17 20.11 -0.01
CA ALA A 489 -6.94 20.70 0.54
C ALA A 489 -6.56 20.00 1.84
N LEU A 490 -7.52 19.45 2.60
CA LEU A 490 -7.17 18.75 3.86
C LEU A 490 -6.28 17.53 3.54
N LEU A 491 -6.48 16.85 2.42
CA LEU A 491 -5.59 15.74 2.04
C LEU A 491 -4.15 16.26 1.88
N GLY A 492 -3.97 17.44 1.30
CA GLY A 492 -2.64 18.02 1.14
C GLY A 492 -2.04 18.42 2.48
N MET A 493 -2.85 18.94 3.41
CA MET A 493 -2.39 19.30 4.76
C MET A 493 -1.83 18.02 5.40
N GLN A 494 -2.51 16.90 5.20
CA GLN A 494 -2.07 15.61 5.81
C GLN A 494 -0.75 15.19 5.16
N MET A 495 -0.67 15.35 3.84
N MET A 495 -0.64 15.31 3.83
CA MET A 495 0.53 14.96 3.03
CA MET A 495 0.62 14.96 3.12
C MET A 495 1.72 15.82 3.49
C MET A 495 1.75 15.80 3.69
N MET A 496 1.50 17.11 3.75
CA MET A 496 2.55 18.05 4.22
C MET A 496 3.04 17.63 5.61
N SER A 497 2.16 17.27 6.53
CA SER A 497 2.54 16.90 7.92
C SER A 497 3.33 15.58 7.98
N THR A 498 2.96 14.63 7.15
CA THR A 498 3.69 13.35 6.99
C THR A 498 5.07 13.65 6.40
N TYR A 499 5.14 14.46 5.35
CA TYR A 499 6.41 14.91 4.72
C TYR A 499 7.35 15.49 5.77
N LEU A 500 6.86 16.40 6.59
CA LEU A 500 7.73 17.13 7.54
C LEU A 500 8.27 16.21 8.63
N GLY A 501 7.61 15.08 8.84
CA GLY A 501 8.06 14.06 9.80
C GLY A 501 8.90 12.97 9.14
N GLY A 502 9.31 13.18 7.89
CA GLY A 502 10.16 12.20 7.19
C GLY A 502 9.38 10.98 6.76
N GLY A 503 8.04 11.06 6.66
CA GLY A 503 7.22 10.00 6.03
C GLY A 503 7.54 9.92 4.54
N VAL A 504 7.42 8.72 3.94
CA VAL A 504 7.91 8.49 2.54
C VAL A 504 6.87 7.72 1.73
N ILE A 505 5.77 7.33 2.34
CA ILE A 505 4.67 6.61 1.64
C ILE A 505 3.38 7.39 1.82
N TYR A 506 2.65 7.55 0.73
CA TYR A 506 1.42 8.37 0.65
C TYR A 506 0.37 7.54 -0.04
N THR A 507 -0.72 7.28 0.66
CA THR A 507 -1.88 6.57 0.09
C THR A 507 -3.19 7.23 0.52
N PHE A 508 -4.19 7.14 -0.34
CA PHE A 508 -5.51 7.79 -0.11
C PHE A 508 -6.62 6.85 -0.53
N GLU A 509 -7.70 6.90 0.23
CA GLU A 509 -8.99 6.27 -0.12
C GLU A 509 -10.05 7.32 0.25
N PHE A 510 -11.27 7.21 -0.27
CA PHE A 510 -11.78 6.24 -1.24
C PHE A 510 -11.16 6.49 -2.61
N PRO A 511 -10.54 5.52 -3.30
CA PRO A 511 -9.77 5.82 -4.50
C PRO A 511 -10.56 6.52 -5.62
N GLU A 512 -11.83 6.18 -5.80
CA GLU A 512 -12.62 6.72 -6.93
C GLU A 512 -12.87 8.21 -6.71
N ILE A 513 -12.80 8.68 -5.46
CA ILE A 513 -12.90 10.14 -5.11
C ILE A 513 -11.50 10.75 -5.21
N VAL A 514 -10.52 10.17 -4.53
CA VAL A 514 -9.23 10.87 -4.33
C VAL A 514 -8.38 10.75 -5.60
N TYR A 515 -8.45 9.63 -6.33
CA TYR A 515 -7.67 9.45 -7.59
C TYR A 515 -8.56 9.66 -8.82
N GLY A 516 -9.70 9.01 -8.87
CA GLY A 516 -10.72 9.25 -9.89
C GLY A 516 -11.40 8.01 -10.41
N THR A 517 -12.35 8.25 -11.32
CA THR A 517 -13.18 7.27 -12.01
C THR A 517 -12.90 7.32 -13.49
N SER A 518 -13.32 6.26 -14.18
CA SER A 518 -13.34 6.21 -15.65
C SER A 518 -11.96 6.55 -16.21
N ASN A 519 -10.89 6.17 -15.50
CA ASN A 519 -9.49 6.37 -15.92
C ASN A 519 -9.20 7.87 -16.09
N THR A 520 -9.94 8.72 -15.37
CA THR A 520 -9.68 10.19 -15.29
C THR A 520 -9.06 10.49 -13.93
N ASN A 521 -8.50 11.69 -13.80
CA ASN A 521 -8.06 12.23 -12.49
C ASN A 521 -9.16 13.10 -11.91
N SER A 522 -9.47 12.84 -10.65
CA SER A 522 -10.48 13.59 -9.88
C SER A 522 -10.03 15.02 -9.63
N PRO A 523 -10.94 15.91 -9.17
CA PRO A 523 -10.51 17.23 -8.68
C PRO A 523 -9.46 17.16 -7.55
N ALA A 524 -9.63 16.28 -6.57
CA ALA A 524 -8.63 16.07 -5.48
C ALA A 524 -7.25 15.73 -6.08
N ASN A 525 -7.22 14.79 -7.00
CA ASN A 525 -5.94 14.30 -7.58
C ASN A 525 -5.30 15.40 -8.43
N THR A 526 -6.09 16.07 -9.26
CA THR A 526 -5.56 17.02 -10.24
C THR A 526 -5.00 18.25 -9.49
N HIS A 527 -5.79 18.79 -8.58
CA HIS A 527 -5.53 20.15 -8.03
C HIS A 527 -4.80 20.11 -6.70
N VAL A 528 -4.77 18.97 -6.00
CA VAL A 528 -4.09 18.85 -4.68
C VAL A 528 -3.04 17.74 -4.73
N LEU A 529 -3.42 16.48 -4.89
CA LEU A 529 -2.45 15.40 -4.66
C LEU A 529 -1.30 15.47 -5.66
N THR A 530 -1.56 15.64 -6.95
CA THR A 530 -0.46 15.68 -7.96
C THR A 530 0.39 16.91 -7.73
N GLU A 531 -0.23 18.06 -7.40
CA GLU A 531 0.51 19.33 -7.19
C GLU A 531 1.46 19.19 -6.01
N LEU A 532 0.99 18.75 -4.84
CA LEU A 532 1.89 18.68 -3.66
C LEU A 532 2.86 17.50 -3.79
N PHE A 533 2.40 16.37 -4.34
CA PHE A 533 3.29 15.20 -4.48
C PHE A 533 4.45 15.56 -5.40
N ARG A 534 4.22 16.34 -6.47
CA ARG A 534 5.31 16.78 -7.36
C ARG A 534 6.33 17.55 -6.52
N TYR A 535 5.84 18.38 -5.63
CA TYR A 535 6.72 19.21 -4.75
C TYR A 535 7.56 18.23 -3.94
N ILE A 536 6.92 17.20 -3.37
CA ILE A 536 7.55 16.24 -2.42
C ILE A 536 8.57 15.37 -3.17
N VAL A 537 8.27 15.02 -4.39
CA VAL A 537 9.20 14.28 -5.26
C VAL A 537 10.45 15.10 -5.54
N ASN A 538 10.33 16.42 -5.66
CA ASN A 538 11.42 17.29 -6.15
C ASN A 538 12.13 17.98 -4.99
N HIS A 539 11.61 17.90 -3.76
CA HIS A 539 12.17 18.56 -2.54
C HIS A 539 12.20 17.54 -1.41
N PRO A 540 13.29 16.78 -1.28
CA PRO A 540 13.33 15.65 -0.35
C PRO A 540 12.93 16.03 1.09
N ALA A 541 12.08 15.20 1.66
CA ALA A 541 11.74 15.20 3.08
C ALA A 541 13.02 15.07 3.90
N PRO A 542 12.95 15.39 5.20
CA PRO A 542 14.03 15.12 6.12
C PRO A 542 14.31 13.61 6.08
N SER A 543 15.57 13.30 6.04
CA SER A 543 16.09 11.92 6.18
C SER A 543 15.98 11.44 7.63
N LYS A 544 16.31 10.18 7.86
CA LYS A 544 16.39 9.68 9.25
C LYS A 544 17.43 10.49 10.03
N LYS A 545 18.60 10.72 9.43
CA LYS A 545 19.66 11.55 10.05
C LYS A 545 19.09 12.92 10.43
N GLU A 546 18.37 13.55 9.51
CA GLU A 546 17.88 14.95 9.74
C GLU A 546 16.81 14.92 10.83
N ILE A 547 15.95 13.91 10.86
CA ILE A 547 14.96 13.80 11.99
C ILE A 547 15.74 13.54 13.29
N MET A 548 16.69 12.64 13.30
CA MET A 548 17.43 12.26 14.53
C MET A 548 18.14 13.49 15.10
N GLU A 549 18.81 14.29 14.25
CA GLU A 549 19.58 15.46 14.68
C GLU A 549 18.65 16.47 15.36
N GLU A 550 17.41 16.60 14.87
CA GLU A 550 16.47 17.66 15.34
C GLU A 550 15.58 17.12 16.46
N THR A 551 15.62 15.83 16.74
CA THR A 551 14.82 15.21 17.82
C THR A 551 15.61 15.29 19.12
N LYS A 552 15.05 15.95 20.15
CA LYS A 552 15.69 16.10 21.49
C LYS A 552 15.18 15.02 22.45
N ALA A 553 13.93 14.56 22.26
CA ALA A 553 13.27 13.59 23.16
C ALA A 553 12.61 12.50 22.32
N VAL A 554 12.86 11.24 22.65
CA VAL A 554 12.12 10.08 22.10
C VAL A 554 11.43 9.43 23.30
N LEU A 555 10.15 9.11 23.14
CA LEU A 555 9.32 8.53 24.21
C LEU A 555 9.26 7.01 24.02
N TYR A 556 8.91 6.30 25.07
CA TYR A 556 8.75 4.83 25.00
C TYR A 556 7.44 4.43 25.68
N GLY A 557 6.64 3.63 25.00
CA GLY A 557 5.47 2.99 25.64
C GLY A 557 4.16 3.51 25.12
N ASN A 558 3.07 3.17 25.79
CA ASN A 558 1.72 3.37 25.24
C ASN A 558 1.30 4.79 25.61
N VAL A 559 1.79 5.76 24.84
CA VAL A 559 1.51 7.21 25.05
C VAL A 559 -0.01 7.45 25.08
N SER A 560 -0.45 8.33 25.97
CA SER A 560 -1.89 8.73 26.05
C SER A 560 -2.26 9.43 24.73
N SER A 561 -3.39 9.07 24.11
CA SER A 561 -3.97 9.75 22.91
C SER A 561 -3.89 11.29 23.07
N ASP A 562 -4.31 11.80 24.23
CA ASP A 562 -4.40 13.26 24.46
C ASP A 562 -3.07 13.87 24.90
N PHE A 563 -1.97 13.13 24.93
CA PHE A 563 -0.64 13.70 25.31
C PHE A 563 -0.32 14.98 24.47
N TYR A 564 -0.77 15.00 23.22
CA TYR A 564 -0.44 16.00 22.18
C TYR A 564 -1.10 17.35 22.48
N SER A 565 -2.23 17.34 23.19
CA SER A 565 -2.91 18.57 23.65
C SER A 565 -1.98 19.42 24.52
N GLY A 566 -1.81 20.67 24.12
CA GLY A 566 -0.93 21.64 24.79
C GLY A 566 0.48 21.57 24.23
N LEU A 567 0.76 20.58 23.37
CA LEU A 567 2.08 20.45 22.71
C LEU A 567 1.84 20.64 21.22
N SER A 568 1.79 19.58 20.41
CA SER A 568 1.74 19.69 18.93
C SER A 568 0.30 19.91 18.48
N GLY A 569 -0.69 19.53 19.29
CA GLY A 569 -2.09 19.74 18.89
C GLY A 569 -3.04 18.73 19.47
N LYS A 570 -4.29 19.14 19.59
CA LYS A 570 -5.41 18.26 19.95
C LYS A 570 -5.59 17.22 18.84
N PRO A 571 -5.57 15.92 19.16
CA PRO A 571 -5.88 14.89 18.16
C PRO A 571 -7.27 15.06 17.57
N THR A 572 -7.37 15.23 16.26
CA THR A 572 -8.65 15.51 15.55
C THR A 572 -9.15 14.24 14.87
N GLY A 573 -8.26 13.27 14.66
CA GLY A 573 -8.60 12.10 13.83
C GLY A 573 -8.18 12.32 12.40
N PHE A 574 -7.69 13.51 12.07
CA PHE A 574 -7.34 13.89 10.68
C PHE A 574 -5.82 14.07 10.50
N GLN A 575 -4.97 13.68 11.46
CA GLN A 575 -3.50 13.53 11.21
C GLN A 575 -2.92 14.91 10.85
N ILE A 576 -3.40 15.94 11.54
CA ILE A 576 -2.82 17.30 11.42
C ILE A 576 -2.55 17.84 12.84
N TYR A 577 -1.73 18.87 12.85
CA TYR A 577 -1.08 19.46 14.05
C TYR A 577 -1.49 20.93 14.15
N GLU A 578 -1.41 21.45 15.36
CA GLU A 578 -1.57 22.91 15.64
C GLU A 578 -0.23 23.63 15.44
N THR A 579 0.91 22.96 15.67
CA THR A 579 2.26 23.56 15.45
C THR A 579 3.26 22.49 15.03
N GLY A 580 4.31 22.90 14.31
CA GLY A 580 5.42 22.03 13.91
C GLY A 580 6.55 22.09 14.92
N ARG A 581 6.37 22.88 15.98
CA ARG A 581 7.46 23.22 16.93
C ARG A 581 8.17 21.96 17.44
N TYR A 582 7.40 20.91 17.71
CA TYR A 582 7.89 19.69 18.39
C TYR A 582 8.04 18.53 17.41
N GLY A 583 7.77 18.78 16.14
CA GLY A 583 7.71 17.69 15.15
C GLY A 583 6.63 16.69 15.50
N ILE A 584 6.85 15.41 15.17
CA ILE A 584 5.85 14.32 15.37
C ILE A 584 5.85 13.83 16.82
N ILE A 585 6.99 13.95 17.51
CA ILE A 585 7.28 13.40 18.86
C ILE A 585 7.31 11.87 18.69
N PRO A 586 8.46 11.34 18.27
CA PRO A 586 8.58 9.89 18.08
C PRO A 586 8.35 9.17 19.42
N VAL A 587 7.55 8.13 19.37
CA VAL A 587 7.28 7.22 20.51
C VAL A 587 7.62 5.81 20.04
N ILE A 588 8.61 5.19 20.65
CA ILE A 588 8.98 3.79 20.28
C ILE A 588 8.01 2.86 20.98
N PRO A 589 7.25 2.03 20.21
CA PRO A 589 6.42 1.01 20.82
C PRO A 589 7.26 -0.11 21.45
N THR A 590 6.60 -1.09 22.09
CA THR A 590 7.29 -2.09 22.95
C THR A 590 7.86 -3.16 22.03
N TRP A 591 8.77 -2.74 21.12
CA TRP A 591 9.57 -3.65 20.26
C TRP A 591 10.44 -4.52 21.16
N GLY A 592 10.79 -3.98 22.31
CA GLY A 592 11.57 -4.68 23.34
C GLY A 592 11.35 -3.90 24.60
N THR A 593 12.14 -4.15 25.62
CA THR A 593 12.13 -3.37 26.88
C THR A 593 12.62 -1.94 26.57
N ARG A 594 12.42 -1.04 27.49
CA ARG A 594 12.90 0.35 27.32
C ARG A 594 14.43 0.33 27.13
N ALA A 595 15.15 -0.50 27.88
CA ALA A 595 16.62 -0.58 27.79
C ALA A 595 17.03 -1.11 26.41
N GLU A 596 16.33 -2.12 25.91
CA GLU A 596 16.63 -2.75 24.61
C GLU A 596 16.43 -1.70 23.53
N VAL A 597 15.30 -1.00 23.57
CA VAL A 597 14.97 0.01 22.55
C VAL A 597 16.03 1.13 22.59
N THR A 598 16.48 1.51 23.77
CA THR A 598 17.53 2.54 23.96
C THR A 598 18.84 2.10 23.27
N LYS A 599 19.27 0.86 23.48
CA LYS A 599 20.51 0.34 22.84
C LYS A 599 20.33 0.41 21.32
N LYS A 600 19.17 0.00 20.81
CA LYS A 600 18.85 0.02 19.36
C LYS A 600 18.97 1.46 18.84
N LEU A 601 18.31 2.42 19.51
CA LEU A 601 18.28 3.85 19.11
C LEU A 601 19.70 4.42 19.12
N ILE A 602 20.48 4.14 20.16
CA ILE A 602 21.89 4.61 20.24
C ILE A 602 22.69 4.06 19.05
N GLN A 603 22.56 2.76 18.70
CA GLN A 603 23.28 2.15 17.55
C GLN A 603 22.82 2.85 16.26
N GLU A 604 21.54 3.17 16.14
CA GLU A 604 21.01 3.81 14.92
C GLU A 604 21.63 5.20 14.77
N ALA A 605 21.61 5.97 15.85
CA ALA A 605 22.16 7.34 15.92
C ALA A 605 23.66 7.29 15.59
N ASP A 606 24.38 6.33 16.19
CA ASP A 606 25.84 6.16 15.99
C ASP A 606 26.13 5.88 14.52
N LYS A 607 25.38 4.99 13.86
CA LYS A 607 25.53 4.73 12.40
C LYS A 607 25.38 6.04 11.62
N LEU A 608 24.49 6.94 12.02
CA LEU A 608 24.18 8.18 11.25
C LEU A 608 25.14 9.31 11.63
N GLY A 609 25.99 9.12 12.66
CA GLY A 609 26.94 10.13 13.15
C GLY A 609 26.23 11.25 13.88
N VAL A 610 25.16 10.96 14.61
CA VAL A 610 24.28 11.94 15.29
C VAL A 610 24.25 11.60 16.79
N THR A 611 24.09 12.62 17.63
CA THR A 611 23.89 12.43 19.08
C THR A 611 22.58 11.68 19.32
N PRO A 612 22.61 10.55 20.08
CA PRO A 612 21.38 9.83 20.38
C PRO A 612 20.43 10.72 21.17
N PRO A 613 19.15 10.86 20.78
CA PRO A 613 18.17 11.57 21.61
C PRO A 613 18.03 10.82 22.95
N ASN A 614 17.59 11.49 24.02
CA ASN A 614 17.24 10.81 25.29
C ASN A 614 15.95 10.04 25.12
N VAL A 615 15.89 8.85 25.70
CA VAL A 615 14.67 8.01 25.68
C VAL A 615 13.99 8.17 27.05
N LEU A 616 12.74 8.61 27.06
CA LEU A 616 11.92 8.73 28.29
C LEU A 616 10.72 7.79 28.20
N ASP A 617 10.39 7.11 29.30
CA ASP A 617 9.10 6.39 29.40
C ASP A 617 7.98 7.44 29.31
N VAL A 618 6.84 7.07 28.72
CA VAL A 618 5.63 7.95 28.68
C VAL A 618 5.22 8.34 30.11
N LYS A 619 5.60 7.57 31.13
CA LYS A 619 5.25 7.82 32.56
C LYS A 619 6.32 8.67 33.26
N ASP A 620 7.36 9.10 32.56
CA ASP A 620 8.40 9.95 33.20
C ASP A 620 7.74 11.21 33.78
N LYS A 621 8.19 11.64 34.95
CA LYS A 621 7.64 12.83 35.68
C LYS A 621 7.68 14.08 34.80
N ASN A 622 8.63 14.16 33.88
CA ASN A 622 8.82 15.33 32.98
C ASN A 622 7.65 15.43 31.99
N LEU A 623 6.96 14.30 31.75
CA LEU A 623 5.93 14.14 30.70
C LEU A 623 4.53 14.13 31.32
N SER A 624 4.40 14.51 32.59
CA SER A 624 3.08 14.59 33.27
C SER A 624 2.29 15.73 32.64
N GLY A 625 0.96 15.71 32.87
CA GLY A 625 0.03 16.80 32.50
C GLY A 625 0.63 18.16 32.81
N GLN A 626 1.20 18.32 34.00
CA GLN A 626 1.67 19.63 34.52
C GLN A 626 3.11 19.95 34.07
N ALA A 627 3.90 18.98 33.65
CA ALA A 627 5.37 19.19 33.49
C ALA A 627 5.75 19.18 31.99
N LYS A 628 4.96 18.51 31.16
CA LYS A 628 5.34 18.22 29.74
C LYS A 628 5.52 19.55 28.96
N GLN A 629 4.71 20.56 29.22
CA GLN A 629 4.76 21.81 28.42
C GLN A 629 6.06 22.56 28.66
N LYS A 630 6.41 22.84 29.92
CA LYS A 630 7.71 23.44 30.27
C LYS A 630 8.85 22.60 29.68
N TYR A 631 8.79 21.28 29.84
CA TYR A 631 9.86 20.34 29.41
C TYR A 631 10.06 20.46 27.89
N PHE A 632 8.98 20.34 27.11
CA PHE A 632 9.05 20.43 25.62
C PHE A 632 9.37 21.86 25.20
N LYS A 633 8.77 22.88 25.81
CA LYS A 633 9.05 24.28 25.40
C LYS A 633 10.53 24.58 25.60
N ASP A 634 11.17 24.00 26.61
CA ASP A 634 12.59 24.27 26.95
C ASP A 634 13.48 23.55 25.93
N LEU A 635 13.07 22.36 25.49
CA LEU A 635 13.84 21.57 24.50
C LEU A 635 13.75 22.20 23.10
N TYR A 636 12.58 22.72 22.76
CA TYR A 636 12.29 23.19 21.40
C TYR A 636 11.87 24.64 21.46
N PRO A 637 12.76 25.56 21.08
CA PRO A 637 12.40 26.98 21.08
C PRO A 637 11.28 27.27 20.08
N ILE A 638 10.49 28.28 20.39
CA ILE A 638 9.37 28.73 19.53
C ILE A 638 9.97 29.27 18.24
N GLU A 639 9.35 29.00 17.09
CA GLU A 639 9.84 29.43 15.76
C GLU A 639 8.92 30.52 15.19
N TYR A 640 7.68 30.63 15.68
CA TYR A 640 6.67 31.57 15.12
C TYR A 640 5.56 31.75 16.15
N VAL A 641 4.80 32.83 15.99
CA VAL A 641 3.69 33.16 16.92
C VAL A 641 2.38 32.97 16.15
N GLY A 642 1.43 32.26 16.75
CA GLY A 642 0.07 32.20 16.21
C GLY A 642 -0.52 30.81 16.33
N ASN A 643 -1.78 30.71 15.93
CA ASN A 643 -2.62 29.51 16.13
C ASN A 643 -2.65 28.68 14.85
N ALA A 644 -2.17 29.17 13.70
CA ALA A 644 -2.02 28.32 12.50
C ALA A 644 -0.87 27.35 12.77
N PHE A 645 -0.80 26.30 11.95
CA PHE A 645 0.37 25.40 11.91
C PHE A 645 1.44 26.06 11.06
N ALA A 646 2.68 26.04 11.54
CA ALA A 646 3.85 26.43 10.74
C ALA A 646 5.03 25.56 11.17
N ASP A 647 5.93 25.32 10.24
CA ASP A 647 7.20 24.64 10.51
C ASP A 647 8.20 25.15 9.47
N LYS A 648 9.42 25.44 9.89
CA LYS A 648 10.50 25.81 8.95
C LYS A 648 11.47 24.62 8.82
N TRP A 649 11.61 24.10 7.60
CA TRP A 649 12.44 22.90 7.24
C TRP A 649 13.31 23.31 6.04
N GLU A 650 14.64 23.34 6.23
CA GLU A 650 15.60 23.52 5.11
C GLU A 650 15.31 24.87 4.43
N GLY A 651 15.06 25.89 5.25
CA GLY A 651 14.90 27.30 4.83
C GLY A 651 13.54 27.63 4.24
N THR A 652 12.59 26.70 4.26
CA THR A 652 11.24 26.85 3.67
C THR A 652 10.23 26.82 4.79
N TRP A 653 9.25 27.72 4.73
CA TRP A 653 8.13 27.69 5.70
C TRP A 653 6.96 26.87 5.13
N TYR A 654 6.37 26.04 5.97
CA TYR A 654 5.23 25.16 5.64
C TYR A 654 4.13 25.51 6.62
N LEU A 655 2.96 25.92 6.13
CA LEU A 655 1.85 26.38 6.99
C LEU A 655 0.54 25.73 6.58
N TYR A 656 -0.38 25.66 7.52
CA TYR A 656 -1.79 25.45 7.18
C TYR A 656 -2.66 25.91 8.33
N ASN A 657 -3.89 26.20 7.97
CA ASN A 657 -4.98 26.41 8.94
C ASN A 657 -5.36 25.00 9.40
N ASN A 658 -5.37 24.77 10.70
CA ASN A 658 -5.50 23.40 11.26
C ASN A 658 -6.93 23.09 11.74
N LYS A 659 -7.92 23.89 11.35
CA LYS A 659 -9.34 23.60 11.69
C LYS A 659 -9.92 22.61 10.70
N VAL A 660 -10.38 21.48 11.21
CA VAL A 660 -10.92 20.43 10.31
C VAL A 660 -12.28 20.84 9.75
N ASN A 661 -13.24 21.25 10.60
CA ASN A 661 -14.59 21.58 10.09
C ASN A 661 -15.28 22.65 10.93
N THR A 662 -14.51 23.66 11.34
CA THR A 662 -14.94 24.88 12.06
C THR A 662 -14.43 26.08 11.27
N ASN A 663 -15.29 27.07 10.98
CA ASN A 663 -14.90 28.15 10.06
C ASN A 663 -14.25 29.27 10.88
N GLU A 664 -12.96 29.16 11.17
CA GLU A 664 -12.17 30.19 11.91
C GLU A 664 -10.90 30.53 11.14
N LYS A 665 -10.55 31.82 11.10
CA LYS A 665 -9.25 32.27 10.56
C LYS A 665 -8.17 31.93 11.58
N GLN A 666 -6.96 31.66 11.11
CA GLN A 666 -5.80 31.48 11.99
C GLN A 666 -4.65 32.24 11.36
N HIS A 667 -3.66 32.58 12.15
CA HIS A 667 -2.47 33.33 11.65
C HIS A 667 -1.18 32.68 12.10
N ALA A 668 -0.12 33.01 11.40
CA ALA A 668 1.27 32.72 11.79
C ALA A 668 2.10 33.99 11.52
N ILE A 669 2.83 34.41 12.54
CA ILE A 669 3.79 35.55 12.47
C ILE A 669 5.21 34.97 12.42
N LEU A 670 5.87 35.18 11.29
CA LEU A 670 7.18 34.58 10.96
C LEU A 670 8.25 35.65 11.04
N PRO A 671 9.37 35.37 11.74
CA PRO A 671 10.55 36.23 11.68
C PRO A 671 11.26 35.94 10.36
N LEU A 672 11.51 36.99 9.57
CA LEU A 672 12.05 36.85 8.20
C LEU A 672 13.58 36.94 8.15
N GLU A 673 14.14 36.32 7.12
CA GLU A 673 15.59 36.30 6.83
C GLU A 673 16.03 37.69 6.33
N GLY A 674 17.34 37.95 6.39
CA GLY A 674 17.97 39.17 5.87
C GLY A 674 18.58 39.99 6.98
N GLU A 675 19.17 41.13 6.64
CA GLU A 675 20.00 41.93 7.56
C GLU A 675 19.12 42.56 8.64
N GLU A 676 17.82 42.68 8.39
CA GLU A 676 16.88 43.35 9.34
C GLU A 676 16.10 42.30 10.11
N GLU A 677 16.53 42.00 11.34
CA GLU A 677 15.98 40.92 12.19
C GLU A 677 14.54 41.23 12.65
N SER A 678 14.09 42.50 12.62
CA SER A 678 12.73 42.93 13.05
C SER A 678 11.69 42.67 11.96
N ALA A 679 12.10 42.27 10.75
CA ALA A 679 11.22 41.92 9.61
C ALA A 679 10.25 40.81 9.99
N ARG A 680 8.96 40.99 9.67
CA ARG A 680 7.87 40.04 10.03
C ARG A 680 6.90 39.87 8.87
N LEU A 681 6.45 38.62 8.67
CA LEU A 681 5.28 38.29 7.83
C LEU A 681 4.23 37.71 8.75
N LYS A 682 3.05 38.32 8.77
CA LYS A 682 1.86 37.68 9.34
C LYS A 682 1.01 37.12 8.20
N VAL A 683 0.79 35.82 8.23
CA VAL A 683 -0.08 35.15 7.25
C VAL A 683 -1.41 34.85 7.97
N GLU A 684 -2.53 35.13 7.33
CA GLU A 684 -3.85 34.78 7.90
C GLU A 684 -4.65 34.00 6.86
N MET A 685 -5.09 32.80 7.25
CA MET A 685 -5.73 31.83 6.35
C MET A 685 -7.04 31.38 6.98
N GLU A 686 -8.04 31.13 6.15
CA GLU A 686 -9.29 30.43 6.50
C GLU A 686 -9.03 28.95 6.36
N PRO A 687 -9.94 28.07 6.84
CA PRO A 687 -9.67 26.65 6.81
C PRO A 687 -9.46 26.08 5.41
N HIS A 688 -8.82 24.93 5.42
CA HIS A 688 -8.64 24.05 4.25
C HIS A 688 -7.69 24.74 3.28
N GLU A 689 -6.52 25.07 3.79
CA GLU A 689 -5.48 25.81 3.05
C GLU A 689 -4.13 25.38 3.58
N PHE A 690 -3.19 25.12 2.67
CA PHE A 690 -1.77 24.94 3.03
C PHE A 690 -0.93 25.87 2.16
N MET A 691 0.28 26.08 2.62
CA MET A 691 1.15 27.15 2.07
C MET A 691 2.61 26.73 2.19
N ILE A 692 3.39 26.96 1.13
CA ILE A 692 4.85 26.76 1.11
C ILE A 692 5.48 28.13 0.77
N MET A 693 6.34 28.65 1.64
N MET A 693 6.38 28.59 1.61
CA MET A 693 6.98 29.98 1.46
CA MET A 693 6.98 29.93 1.41
C MET A 693 8.51 29.85 1.51
C MET A 693 8.51 29.81 1.37
N ASN A 694 9.20 30.34 0.48
N ASN A 694 9.11 30.46 0.39
CA ASN A 694 10.69 30.30 0.40
CA ASN A 694 10.57 30.47 0.20
C ASN A 694 11.22 31.71 0.10
C ASN A 694 11.05 31.91 0.12
N GLU A 695 11.81 32.34 1.12
CA GLU A 695 12.45 33.66 1.10
C GLU A 695 13.68 33.59 0.19
N SER A 696 13.94 34.67 -0.56
CA SER A 696 15.18 34.87 -1.35
C SER A 696 16.38 34.63 -0.42
N GLY A 697 16.27 35.06 0.84
CA GLY A 697 17.34 34.94 1.85
C GLY A 697 17.94 36.29 2.23
N ASP A 698 17.82 37.30 1.36
CA ASP A 698 18.49 38.61 1.57
C ASP A 698 17.47 39.66 2.03
N GLY A 699 16.21 39.31 2.20
CA GLY A 699 15.21 40.28 2.75
C GLY A 699 14.45 41.04 1.67
N THR A 700 14.71 40.78 0.39
CA THR A 700 14.15 41.60 -0.73
C THR A 700 12.95 40.88 -1.39
N ALA A 701 12.85 39.56 -1.30
CA ALA A 701 11.86 38.81 -2.09
C ALA A 701 11.41 37.56 -1.34
N MET A 702 10.22 37.09 -1.68
CA MET A 702 9.79 35.72 -1.27
C MET A 702 8.82 35.14 -2.28
N ASP A 703 8.86 33.83 -2.40
CA ASP A 703 7.91 33.05 -3.24
C ASP A 703 6.95 32.35 -2.29
N ILE A 704 5.68 32.37 -2.62
CA ILE A 704 4.66 31.69 -1.79
C ILE A 704 3.81 30.86 -2.74
N THR A 705 3.64 29.58 -2.43
CA THR A 705 2.61 28.71 -3.06
C THR A 705 1.51 28.51 -2.01
N LEU A 706 0.28 28.86 -2.34
CA LEU A 706 -0.83 28.49 -1.46
C LEU A 706 -1.80 27.60 -2.25
N ASN A 707 -2.48 26.73 -1.54
CA ASN A 707 -3.48 25.84 -2.15
C ASN A 707 -4.59 25.67 -1.12
N ASN A 708 -5.77 26.13 -1.45
CA ASN A 708 -6.95 25.94 -0.58
C ASN A 708 -8.07 25.28 -1.36
N TYR A 709 -7.75 24.39 -2.29
CA TYR A 709 -8.80 23.79 -3.14
C TYR A 709 -9.87 23.08 -2.29
N ARG A 710 -11.12 23.37 -2.58
CA ARG A 710 -12.27 22.75 -1.90
C ARG A 710 -13.48 22.78 -2.81
N VAL A 711 -14.02 21.60 -3.07
CA VAL A 711 -15.29 21.44 -3.81
C VAL A 711 -16.44 21.49 -2.80
N ASN A 712 -17.52 22.15 -3.19
CA ASN A 712 -18.74 22.21 -2.36
C ASN A 712 -19.62 21.01 -2.69
N LYS A 713 -19.90 20.19 -1.67
CA LYS A 713 -20.74 18.96 -1.78
C LYS A 713 -22.13 19.20 -1.21
N ASP A 714 -22.41 20.40 -0.66
CA ASP A 714 -23.63 20.57 0.15
C ASP A 714 -24.87 20.27 -0.71
N GLU A 715 -24.90 20.74 -1.95
CA GLU A 715 -26.10 20.63 -2.81
C GLU A 715 -26.08 19.30 -3.58
N ILE A 716 -24.96 18.95 -4.21
CA ILE A 716 -24.94 17.77 -5.12
C ILE A 716 -24.99 16.49 -4.28
N ILE A 717 -24.28 16.42 -3.15
CA ILE A 717 -24.18 15.16 -2.36
C ILE A 717 -25.27 15.15 -1.28
N PHE A 718 -25.31 16.15 -0.41
CA PHE A 718 -26.13 16.11 0.84
C PHE A 718 -27.59 16.44 0.50
N ASP A 719 -27.83 17.57 -0.15
CA ASP A 719 -29.20 17.88 -0.66
C ASP A 719 -29.57 16.89 -1.79
N ASN A 720 -28.59 16.32 -2.47
CA ASN A 720 -28.79 15.20 -3.43
C ASN A 720 -29.65 15.72 -4.56
N LYS A 721 -29.30 16.88 -5.10
CA LYS A 721 -30.18 17.57 -6.07
C LYS A 721 -30.41 16.73 -7.32
N PHE A 722 -29.58 15.75 -7.66
CA PHE A 722 -29.74 14.91 -8.89
C PHE A 722 -30.41 13.59 -8.56
N GLY A 723 -30.87 13.43 -7.32
CA GLY A 723 -31.67 12.26 -6.92
C GLY A 723 -30.93 10.96 -7.09
N LEU A 724 -29.69 10.91 -6.64
CA LEU A 724 -28.91 9.64 -6.59
C LEU A 724 -29.48 8.76 -5.49
N THR A 725 -29.25 7.45 -5.59
CA THR A 725 -29.68 6.48 -4.56
C THR A 725 -28.53 6.22 -3.60
N TRP A 726 -28.64 6.72 -2.39
CA TRP A 726 -27.58 6.60 -1.36
C TRP A 726 -28.01 5.55 -0.32
N THR A 727 -27.81 4.27 -0.59
CA THR A 727 -28.21 3.16 0.31
C THR A 727 -27.10 2.09 0.24
N GLY A 728 -27.09 1.14 1.17
CA GLY A 728 -26.13 0.00 1.19
C GLY A 728 -26.70 -1.22 0.48
N ASP A 729 -27.74 -1.05 -0.32
CA ASP A 729 -28.48 -2.16 -0.97
C ASP A 729 -28.06 -2.29 -2.41
N PHE A 730 -28.22 -3.49 -2.96
CA PHE A 730 -28.10 -3.77 -4.40
C PHE A 730 -29.47 -3.56 -5.03
N SER A 731 -29.54 -2.91 -6.19
CA SER A 731 -30.71 -2.90 -7.09
C SER A 731 -30.66 -4.16 -7.97
N PRO A 732 -31.82 -4.63 -8.49
CA PRO A 732 -31.85 -5.82 -9.34
C PRO A 732 -30.90 -5.72 -10.55
N GLY A 733 -30.08 -6.76 -10.75
CA GLY A 733 -29.14 -6.88 -11.88
C GLY A 733 -27.90 -6.03 -11.69
N GLN A 734 -27.63 -5.57 -10.46
CA GLN A 734 -26.38 -4.85 -10.14
C GLN A 734 -25.53 -5.75 -9.25
N THR A 735 -24.22 -5.69 -9.46
CA THR A 735 -23.19 -6.40 -8.66
C THR A 735 -22.55 -5.40 -7.67
N THR A 736 -22.93 -4.11 -7.71
CA THR A 736 -22.36 -3.06 -6.82
C THR A 736 -23.51 -2.37 -6.07
N ILE A 737 -23.31 -2.05 -4.78
CA ILE A 737 -24.36 -1.42 -3.95
C ILE A 737 -24.60 0.00 -4.44
N ASN A 738 -25.81 0.49 -4.25
CA ASN A 738 -26.27 1.79 -4.82
C ASN A 738 -25.41 2.95 -4.34
N GLY A 739 -25.03 2.98 -3.06
CA GLY A 739 -24.25 4.13 -2.54
C GLY A 739 -22.95 4.28 -3.31
N LYS A 740 -22.28 3.17 -3.58
CA LYS A 740 -21.00 3.17 -4.32
C LYS A 740 -21.25 3.59 -5.79
N LEU A 741 -22.27 3.06 -6.46
CA LEU A 741 -22.63 3.50 -7.84
C LEU A 741 -22.89 5.01 -7.85
N SER A 742 -23.48 5.54 -6.78
CA SER A 742 -23.79 6.98 -6.65
C SER A 742 -22.49 7.78 -6.53
N VAL A 743 -21.50 7.28 -5.79
CA VAL A 743 -20.15 7.91 -5.73
C VAL A 743 -19.57 7.91 -7.15
N TYR A 744 -19.69 6.80 -7.89
CA TYR A 744 -19.11 6.75 -9.26
C TYR A 744 -19.80 7.78 -10.18
N LYS A 745 -21.12 7.87 -10.10
CA LYS A 745 -21.95 8.76 -10.95
C LYS A 745 -21.60 10.22 -10.65
N TYR A 746 -21.47 10.56 -9.37
CA TYR A 746 -20.99 11.89 -8.92
C TYR A 746 -19.65 12.19 -9.64
N MET A 747 -18.69 11.27 -9.57
CA MET A 747 -17.33 11.52 -10.13
C MET A 747 -17.37 11.46 -11.67
N ASP A 748 -18.28 10.71 -12.28
CA ASP A 748 -18.33 10.55 -13.75
C ASP A 748 -19.09 11.69 -14.41
N GLU A 749 -20.08 12.30 -13.75
CA GLU A 749 -21.02 13.22 -14.42
C GLU A 749 -21.05 14.61 -13.75
N TYR A 750 -20.84 14.68 -12.44
CA TYR A 750 -21.24 15.87 -11.63
C TYR A 750 -20.03 16.55 -10.98
N ASN A 751 -18.81 16.04 -11.16
CA ASN A 751 -17.62 16.55 -10.43
C ASN A 751 -16.40 16.33 -11.32
N VAL A 752 -16.39 16.86 -12.54
CA VAL A 752 -15.45 16.42 -13.61
C VAL A 752 -14.49 17.55 -13.92
N VAL A 753 -13.20 17.28 -13.80
CA VAL A 753 -12.13 18.23 -14.22
C VAL A 753 -12.21 18.37 -15.72
N ASN A 754 -12.14 19.61 -16.20
CA ASN A 754 -12.26 19.95 -17.65
C ASN A 754 -13.53 19.30 -18.19
N ALA A 755 -14.65 19.55 -17.54
CA ALA A 755 -15.92 18.84 -17.84
C ALA A 755 -16.25 19.07 -19.31
N PRO A 756 -16.37 17.97 -20.09
CA PRO A 756 -16.92 18.03 -21.44
C PRO A 756 -18.43 18.29 -21.43
N GLU A 757 -18.99 18.57 -22.61
CA GLU A 757 -20.42 18.93 -22.76
C GLU A 757 -21.26 17.85 -22.09
N GLY A 758 -22.25 18.26 -21.31
CA GLY A 758 -23.22 17.37 -20.65
C GLY A 758 -22.71 16.87 -19.31
N LYS A 759 -21.50 17.25 -18.90
CA LYS A 759 -20.96 16.94 -17.56
C LYS A 759 -20.68 18.26 -16.85
N LEU A 760 -20.58 18.21 -15.53
CA LEU A 760 -20.47 19.42 -14.70
C LEU A 760 -19.04 19.59 -14.21
N SER A 761 -18.49 20.79 -14.42
CA SER A 761 -17.24 21.26 -13.77
C SER A 761 -17.44 21.17 -12.26
N PRO A 762 -16.35 21.05 -11.49
CA PRO A 762 -16.45 20.95 -10.04
C PRO A 762 -16.97 22.24 -9.43
N GLU A 763 -17.79 22.10 -8.38
CA GLU A 763 -18.31 23.25 -7.60
C GLU A 763 -17.22 23.80 -6.69
N ASP A 764 -16.27 24.52 -7.27
CA ASP A 764 -15.04 24.97 -6.58
C ASP A 764 -14.82 26.46 -6.82
N ASN A 765 -15.88 27.21 -7.16
CA ASN A 765 -15.76 28.61 -7.65
C ASN A 765 -15.94 29.63 -6.51
N GLU A 766 -16.33 29.19 -5.31
CA GLU A 766 -16.49 30.14 -4.18
C GLU A 766 -15.10 30.39 -3.59
N LEU A 767 -14.62 31.64 -3.64
CA LEU A 767 -13.22 31.93 -3.26
C LEU A 767 -13.12 32.34 -1.79
N ARG A 768 -11.96 32.10 -1.20
CA ARG A 768 -11.70 32.51 0.21
C ARG A 768 -10.43 33.34 0.28
N THR A 769 -10.39 34.22 1.27
CA THR A 769 -9.36 35.26 1.40
C THR A 769 -8.15 34.75 2.18
N THR A 770 -6.95 35.00 1.62
CA THR A 770 -5.67 34.94 2.35
C THR A 770 -5.10 36.35 2.44
N THR A 771 -4.57 36.74 3.58
CA THR A 771 -3.91 38.05 3.74
C THR A 771 -2.49 37.84 4.25
N PHE A 772 -1.57 38.64 3.72
CA PHE A 772 -0.16 38.72 4.12
C PHE A 772 0.09 40.15 4.63
N GLU A 773 0.57 40.31 5.86
CA GLU A 773 0.98 41.64 6.39
C GLU A 773 2.49 41.62 6.60
N LEU A 774 3.20 42.50 5.88
CA LEU A 774 4.67 42.62 5.95
C LEU A 774 4.99 43.93 6.67
N THR A 775 5.83 43.84 7.70
CA THR A 775 6.28 44.99 8.50
C THR A 775 7.74 44.79 8.84
N LYS A 776 8.49 45.87 9.01
CA LYS A 776 8.13 47.25 8.69
C LYS A 776 8.89 47.60 7.42
N LEU A 777 8.21 48.13 6.40
CA LEU A 777 8.80 48.35 5.05
C LEU A 777 8.95 49.85 4.76
N ALA A 778 9.96 50.21 3.96
CA ALA A 778 10.24 51.61 3.56
C ALA A 778 9.26 52.02 2.47
N LYS A 779 8.73 51.07 1.69
CA LYS A 779 7.86 51.39 0.54
C LYS A 779 6.99 50.19 0.21
N GLU A 780 5.99 50.41 -0.64
CA GLU A 780 5.05 49.38 -1.13
C GLU A 780 5.82 48.34 -1.91
N PRO A 781 5.69 47.06 -1.53
CA PRO A 781 6.28 45.98 -2.33
C PRO A 781 5.44 45.61 -3.54
N LYS A 782 6.01 44.79 -4.40
CA LYS A 782 5.39 44.35 -5.68
C LYS A 782 4.98 42.90 -5.47
N VAL A 783 3.79 42.55 -5.94
CA VAL A 783 3.25 41.16 -5.85
C VAL A 783 2.79 40.79 -7.24
N GLN A 784 3.12 39.58 -7.68
CA GLN A 784 2.48 39.09 -8.90
C GLN A 784 2.18 37.61 -8.79
N VAL A 785 1.23 37.20 -9.61
CA VAL A 785 0.87 35.79 -9.80
C VAL A 785 1.77 35.24 -10.89
N VAL A 786 2.72 34.43 -10.47
CA VAL A 786 3.67 33.77 -11.39
C VAL A 786 2.86 32.77 -12.19
N LYS A 787 2.03 32.00 -11.50
CA LYS A 787 1.18 30.97 -12.14
C LYS A 787 0.03 30.70 -11.20
N GLY A 788 -1.15 30.45 -11.72
CA GLY A 788 -2.34 30.14 -10.92
C GLY A 788 -3.17 29.08 -11.59
N GLN A 789 -3.90 28.31 -10.78
CA GLN A 789 -4.89 27.35 -11.28
C GLN A 789 -5.90 28.05 -12.19
N GLN A 790 -6.10 27.50 -13.38
CA GLN A 790 -6.97 28.14 -14.40
C GLN A 790 -8.38 27.56 -14.27
N PRO A 791 -9.38 28.26 -14.85
CA PRO A 791 -10.76 27.80 -14.83
C PRO A 791 -10.95 26.39 -15.38
N ASP A 792 -12.02 25.76 -14.90
CA ASP A 792 -12.62 24.59 -15.59
C ASP A 792 -13.38 25.15 -16.80
N THR A 793 -14.13 24.30 -17.49
CA THR A 793 -14.81 24.61 -18.75
C THR A 793 -15.98 25.56 -18.50
N ASP A 794 -16.38 25.78 -17.26
CA ASP A 794 -17.40 26.77 -16.88
C ASP A 794 -16.83 28.21 -16.90
N GLY A 795 -15.53 28.38 -17.11
CA GLY A 795 -14.87 29.68 -17.26
C GLY A 795 -14.75 30.47 -15.98
N GLN A 796 -15.15 29.92 -14.83
CA GLN A 796 -15.09 30.69 -13.56
C GLN A 796 -13.66 30.62 -13.02
N PRO A 797 -13.14 31.75 -12.54
CA PRO A 797 -11.78 31.85 -12.02
C PRO A 797 -11.61 31.20 -10.64
N GLN A 798 -10.40 30.69 -10.40
CA GLN A 798 -9.99 30.02 -9.15
C GLN A 798 -9.19 30.99 -8.29
N TYR A 799 -8.95 32.19 -8.80
CA TYR A 799 -8.26 33.25 -8.02
C TYR A 799 -8.56 34.61 -8.63
N THR A 800 -8.44 35.62 -7.79
CA THR A 800 -8.47 37.06 -8.15
C THR A 800 -7.05 37.61 -8.09
N GLU A 801 -6.79 38.73 -8.74
CA GLU A 801 -5.44 39.34 -8.72
C GLU A 801 -5.21 39.85 -7.30
N PRO A 802 -4.01 39.62 -6.72
CA PRO A 802 -3.70 40.12 -5.40
C PRO A 802 -3.75 41.66 -5.36
N LYS A 803 -4.24 42.21 -4.26
CA LYS A 803 -4.30 43.67 -4.02
C LYS A 803 -3.29 44.01 -2.94
N VAL A 804 -2.59 45.14 -3.08
CA VAL A 804 -1.58 45.61 -2.10
C VAL A 804 -2.02 46.98 -1.57
N GLU A 805 -2.02 47.13 -0.25
CA GLU A 805 -2.22 48.41 0.45
C GLU A 805 -1.01 48.63 1.34
N PHE A 806 -0.41 49.80 1.26
CA PHE A 806 0.79 50.13 2.03
C PHE A 806 0.49 51.41 2.80
N ASN A 807 0.58 51.31 4.14
CA ASN A 807 0.53 52.47 5.04
C ASN A 807 1.95 53.05 5.19
N GLU A 808 2.17 54.24 4.64
CA GLU A 808 3.51 54.89 4.62
C GLU A 808 3.93 55.31 6.02
N GLU A 809 2.99 55.58 6.92
CA GLU A 809 3.27 55.93 8.33
C GLU A 809 3.75 54.71 9.12
N THR A 810 3.00 53.61 9.09
CA THR A 810 3.28 52.41 9.93
C THR A 810 4.30 51.52 9.22
N GLY A 811 4.45 51.65 7.91
CA GLY A 811 5.33 50.79 7.09
C GLY A 811 4.78 49.37 7.02
N LYS A 812 3.47 49.24 7.12
CA LYS A 812 2.78 47.93 6.97
C LYS A 812 2.23 47.80 5.56
N ALA A 813 2.61 46.72 4.86
CA ALA A 813 1.98 46.32 3.58
C ALA A 813 1.03 45.16 3.83
N VAL A 814 -0.20 45.29 3.33
CA VAL A 814 -1.22 44.21 3.40
C VAL A 814 -1.49 43.76 1.97
N ILE A 815 -1.22 42.48 1.71
CA ILE A 815 -1.49 41.83 0.40
C ILE A 815 -2.70 40.94 0.64
N THR A 816 -3.74 41.12 -0.16
CA THR A 816 -4.98 40.33 -0.06
C THR A 816 -5.16 39.52 -1.34
N ILE A 817 -5.53 38.26 -1.25
CA ILE A 817 -5.88 37.47 -2.45
C ILE A 817 -7.06 36.55 -2.09
N GLN A 818 -7.89 36.26 -3.08
CA GLN A 818 -9.04 35.32 -2.95
C GLN A 818 -8.73 34.13 -3.86
N THR A 819 -8.84 32.91 -3.33
CA THR A 819 -8.53 31.72 -4.12
C THR A 819 -9.42 30.54 -3.73
N ASN A 820 -9.56 29.62 -4.65
CA ASN A 820 -10.03 28.25 -4.39
C ASN A 820 -9.23 27.33 -5.30
N GLY A 821 -8.10 26.89 -4.81
CA GLY A 821 -7.08 26.24 -5.62
C GLY A 821 -5.70 26.74 -5.29
N TRP A 822 -4.77 26.52 -6.22
CA TRP A 822 -3.36 26.87 -6.02
C TRP A 822 -3.01 28.13 -6.82
N VAL A 823 -2.13 28.91 -6.20
CA VAL A 823 -1.44 30.06 -6.83
C VAL A 823 -0.01 30.09 -6.33
N ASP A 824 0.89 30.47 -7.24
CA ASP A 824 2.31 30.75 -6.96
C ASP A 824 2.47 32.27 -7.03
N LEU A 825 2.79 32.89 -5.90
CA LEU A 825 2.98 34.35 -5.80
C LEU A 825 4.47 34.65 -5.71
N SER A 826 4.85 35.81 -6.20
CA SER A 826 6.21 36.33 -5.99
C SER A 826 6.09 37.75 -5.42
N ILE A 827 6.66 37.95 -4.23
CA ILE A 827 6.68 39.27 -3.55
C ILE A 827 8.10 39.80 -3.67
N THR A 828 8.25 40.97 -4.25
CA THR A 828 9.58 41.52 -4.57
C THR A 828 9.59 42.97 -4.12
N GLY A 829 10.79 43.56 -4.19
CA GLY A 829 11.07 44.96 -3.83
C GLY A 829 10.78 45.26 -2.36
N LEU A 830 11.03 44.29 -1.48
CA LEU A 830 10.89 44.47 -0.01
C LEU A 830 12.12 45.22 0.51
N GLU A 831 11.88 46.30 1.25
CA GLU A 831 12.91 47.11 1.91
C GLU A 831 12.54 47.24 3.38
N PHE A 832 13.00 46.29 4.19
CA PHE A 832 12.67 46.28 5.63
C PHE A 832 13.55 47.31 6.31
N VAL A 833 12.96 48.04 7.26
CA VAL A 833 13.67 48.99 8.13
C VAL A 833 13.42 48.56 9.59
N TYR A 834 14.23 49.06 10.51
CA TYR A 834 14.18 48.70 11.94
C TYR A 834 12.77 49.01 12.45
N ASP A 835 12.20 48.05 13.18
CA ASP A 835 10.82 48.11 13.74
C ASP A 835 10.94 47.78 15.22
N GLU A 836 11.01 48.82 16.05
CA GLU A 836 11.10 48.69 17.53
C GLU A 836 9.86 47.97 18.07
N ASN A 837 8.77 47.92 17.31
CA ASN A 837 7.50 47.32 17.77
C ASN A 837 7.26 45.94 17.17
N ALA A 838 8.26 45.30 16.56
CA ALA A 838 8.04 44.01 15.88
C ALA A 838 7.57 42.97 16.88
N GLN A 839 6.62 42.12 16.48
CA GLN A 839 6.15 40.97 17.30
C GLN A 839 7.36 40.19 17.81
N LYS A 840 7.49 40.02 19.13
CA LYS A 840 8.58 39.19 19.69
C LYS A 840 8.17 37.73 19.46
N ILE A 841 9.11 36.94 18.97
CA ILE A 841 8.88 35.50 18.73
C ILE A 841 9.29 34.80 20.04
N GLU A 842 8.35 34.72 20.96
CA GLU A 842 8.59 34.22 22.33
C GLU A 842 7.28 33.58 22.81
N ASP A 843 7.37 32.68 23.76
CA ASP A 843 6.18 32.05 24.41
C ASP A 843 5.38 33.14 25.15
N GLU A 844 4.06 32.97 25.23
CA GLU A 844 3.13 33.80 26.04
C GLU A 844 3.74 34.00 27.45
#